data_9HN7
#
_entry.id   9HN7
#
_cell.length_a   1.00
_cell.length_b   1.00
_cell.length_c   1.00
_cell.angle_alpha   90.00
_cell.angle_beta   90.00
_cell.angle_gamma   90.00
#
_symmetry.space_group_name_H-M   'P 1'
#
loop_
_entity.id
_entity.type
_entity.pdbx_description
1 polymer 'Queuine tRNA-ribosyltransferase catalytic subunit 1'
2 polymer 'Queuine tRNA-ribosyltransferase accessory subunit 2'
3 polymer 'mouse tRNA-Tyr'
4 non-polymer 9-DEAZAGUANINE
#
loop_
_entity_poly.entity_id
_entity_poly.type
_entity_poly.pdbx_seq_one_letter_code
_entity_poly.pdbx_strand_id
1 'polypeptide(L)'
;GPESAPRIMRLVAECSRSGARAGELRLPHGTVATPVFMPVGTQATMKGITTEQLDSLGCRICLGNTYHLGLRPGPELIRK
AQGLHGFMNWPHNLLTDSGGFQMVSLFSLSEVTEEGVHFRSPYDGEETLLSPERSVEIQNALGSDIIMQLDHVVSSTVTG
PLVEEAMHRSVRWLDRCIAAHKHPDKQNLFAIIQGGLNADLRTTCLKEMTKRDVPGFAIGGLSGGESKAQFWKMVALSTS
MLPKDKPRYLMGVGYATDLVVCVALGCDMFDCVYPTRTARFGSALVPTGNLQLKKKQYAKDFSPINPECPCPTCQTHSRA
FLHALLHSDNTTALHHLTVHNIAYQLQLLSAVRSSILEQRFPDFVRNFMRTMYGDHSLCPAWAVEALASVGIMLT
;
A
2 'polypeptide(L)'
;GPKLSLIKVVNGCRLGKIQNLGKAGDCTVDIPGCLLYTRTGSAPHLTHQTLRNIHGVPGIAQLTLSSLAEHHEVLAEYKK
GVGSFIGMPESLFYCSLHDPVTPGPAGYVTSKSVSVWGFGGRVEMTVSKFMAIQEALQPDWFQCLSDGEASCAETTSIKR
ARKSVDRSLLFLDSCLRLQEESEVLQKSVIIGVIEGGDVMEERLRSARETAKRPVGGFLLDGFQGDPAVTETRLHLLSSV
TAELPEDKPRLICGVSRPDEVLECIERGVDLFESFFPYQVTERGCALTFTFDCQLNPEETLLQQNGIQEKIKGLDQAKKI
EATGCNQEMTSFEINLKEKKYQEDFDPLVRGCSCYCCKNHTRAYIHHLLMTNELLAGVLLMMHNFEHYFGFFCSIREALK
NDTLAQLKELICRQMF
;
B
3 'polyribonucleotide' GGCCUUCGAUAGCUCAGUUGGUAGAGCGGAGGACUGUAGAUCCUUAGGUCGCUGGUUCGAAUCCGGCUCGAAGGACCA C
#
# COMPACT_ATOMS: atom_id res chain seq x y z
N SER A 4 18.65 31.23 25.34
CA SER A 4 17.79 31.72 24.27
C SER A 4 17.77 30.74 23.10
N ALA A 5 16.59 30.18 22.83
CA ALA A 5 16.46 29.23 21.73
C ALA A 5 16.63 29.95 20.40
N PRO A 6 17.43 29.39 19.48
CA PRO A 6 17.60 30.03 18.17
C PRO A 6 16.31 30.03 17.37
N ARG A 7 16.18 31.05 16.52
CA ARG A 7 15.01 31.19 15.65
C ARG A 7 15.28 30.41 14.37
N ILE A 8 14.40 29.43 14.06
CA ILE A 8 14.62 28.54 12.93
C ILE A 8 13.82 28.93 11.70
N MET A 9 13.05 30.02 11.76
CA MET A 9 12.19 30.44 10.66
C MET A 9 12.67 31.77 10.09
N ARG A 10 12.77 31.84 8.77
CA ARG A 10 13.04 33.09 8.07
C ARG A 10 11.86 33.40 7.15
N LEU A 11 11.43 34.65 7.17
CA LEU A 11 10.24 35.07 6.44
C LEU A 11 10.63 35.85 5.20
N VAL A 12 10.05 35.47 4.06
CA VAL A 12 10.31 36.14 2.80
C VAL A 12 9.04 36.61 2.11
N ALA A 13 7.87 36.05 2.43
CA ALA A 13 6.63 36.46 1.78
C ALA A 13 5.50 36.42 2.80
N GLU A 14 4.68 37.47 2.81
CA GLU A 14 3.54 37.56 3.69
C GLU A 14 2.40 38.23 2.95
N CYS A 15 1.19 37.72 3.13
CA CYS A 15 0.05 38.21 2.37
C CYS A 15 -0.30 39.64 2.76
N SER A 16 -0.62 40.46 1.76
CA SER A 16 -0.99 41.85 2.03
C SER A 16 -2.39 41.94 2.63
N ARG A 17 -3.34 41.18 2.10
CA ARG A 17 -4.72 41.23 2.54
C ARG A 17 -5.07 40.17 3.58
N SER A 18 -4.10 39.36 4.00
CA SER A 18 -4.35 38.30 4.97
C SER A 18 -3.10 38.09 5.80
N GLY A 19 -3.19 37.17 6.75
CA GLY A 19 -2.08 36.84 7.63
C GLY A 19 -1.22 35.68 7.17
N ALA A 20 -1.38 35.22 5.93
CA ALA A 20 -0.63 34.07 5.44
C ALA A 20 0.85 34.42 5.31
N ARG A 21 1.70 33.42 5.59
CA ARG A 21 3.15 33.59 5.53
C ARG A 21 3.77 32.40 4.80
N ALA A 22 4.94 32.65 4.21
CA ALA A 22 5.75 31.61 3.58
C ALA A 22 7.16 31.70 4.12
N GLY A 23 7.72 30.57 4.53
CA GLY A 23 9.04 30.58 5.12
C GLY A 23 9.70 29.23 5.06
N GLU A 24 10.90 29.15 5.62
CA GLU A 24 11.69 27.93 5.62
C GLU A 24 12.18 27.62 7.03
N LEU A 25 12.23 26.32 7.33
CA LEU A 25 12.75 25.81 8.60
C LEU A 25 13.95 24.94 8.32
N ARG A 26 15.04 25.19 9.04
CA ARG A 26 16.30 24.47 8.86
C ARG A 26 16.44 23.40 9.95
N LEU A 27 16.68 22.17 9.53
CA LEU A 27 16.90 21.04 10.42
C LEU A 27 18.13 20.27 9.96
N PRO A 28 18.81 19.58 10.87
CA PRO A 28 20.04 18.87 10.49
C PRO A 28 19.82 17.77 9.45
N HIS A 29 18.59 17.26 9.32
CA HIS A 29 18.31 16.21 8.35
C HIS A 29 17.64 16.71 7.08
N GLY A 30 17.09 17.92 7.09
CA GLY A 30 16.44 18.44 5.90
C GLY A 30 15.91 19.84 6.14
N THR A 31 15.36 20.41 5.08
CA THR A 31 14.77 21.75 5.11
C THR A 31 13.29 21.64 4.79
N VAL A 32 12.46 22.32 5.59
CA VAL A 32 11.01 22.27 5.44
C VAL A 32 10.54 23.62 4.93
N ALA A 33 9.52 23.60 4.06
CA ALA A 33 8.94 24.81 3.49
C ALA A 33 7.55 25.02 4.09
N THR A 34 7.44 25.98 4.99
CA THR A 34 6.16 26.34 5.62
C THR A 34 5.38 27.30 4.73
N PRO A 35 4.07 27.07 4.54
CA PRO A 35 3.29 26.00 5.18
C PRO A 35 3.54 24.61 4.61
N VAL A 36 3.48 23.61 5.47
CA VAL A 36 3.75 22.23 5.09
C VAL A 36 2.69 21.33 5.73
N PHE A 37 2.46 20.18 5.12
CA PHE A 37 1.56 19.17 5.67
C PHE A 37 2.37 17.92 5.94
N MET A 38 2.36 17.46 7.19
CA MET A 38 3.08 16.24 7.54
C MET A 38 2.09 15.10 7.70
N PRO A 39 2.10 14.12 6.80
CA PRO A 39 1.21 12.96 6.98
C PRO A 39 1.63 12.13 8.19
N VAL A 40 0.64 11.55 8.84
CA VAL A 40 0.90 10.70 9.99
C VAL A 40 1.64 9.45 9.53
N GLY A 41 2.82 9.21 10.11
CA GLY A 41 3.70 8.19 9.59
C GLY A 41 3.17 6.78 9.74
N THR A 42 2.59 6.47 10.91
CA THR A 42 2.14 5.11 11.16
C THR A 42 1.03 4.70 10.20
N GLN A 43 0.04 5.57 10.00
CA GLN A 43 -1.03 5.28 9.06
C GLN A 43 -0.49 5.09 7.65
N ALA A 44 0.31 6.05 7.18
CA ALA A 44 0.83 5.98 5.82
C ALA A 44 1.67 4.73 5.61
N THR A 45 2.39 4.30 6.65
CA THR A 45 3.20 3.10 6.53
C THR A 45 2.34 1.84 6.47
N MET A 46 1.30 1.76 7.31
CA MET A 46 0.53 0.53 7.33
C MET A 46 -0.46 0.44 6.18
N LYS A 47 -0.79 1.55 5.52
CA LYS A 47 -1.76 1.52 4.44
C LYS A 47 -1.20 0.88 3.16
N GLY A 48 0.11 0.65 3.12
CA GLY A 48 0.69 -0.04 1.98
C GLY A 48 1.88 0.68 1.37
N ILE A 49 1.98 2.00 1.60
CA ILE A 49 3.04 2.77 0.98
C ILE A 49 4.39 2.39 1.60
N THR A 50 5.37 2.12 0.74
CA THR A 50 6.73 1.91 1.18
C THR A 50 7.41 3.27 1.38
N THR A 51 8.64 3.24 1.90
CA THR A 51 9.38 4.47 2.08
C THR A 51 9.69 5.14 0.75
N GLU A 52 10.08 4.34 -0.25
CA GLU A 52 10.44 4.91 -1.55
C GLU A 52 9.24 5.57 -2.23
N GLN A 53 8.07 4.92 -2.17
CA GLN A 53 6.89 5.48 -2.82
C GLN A 53 6.46 6.79 -2.16
N LEU A 54 6.52 6.85 -0.83
CA LEU A 54 6.17 8.10 -0.14
C LEU A 54 7.20 9.19 -0.41
N ASP A 55 8.49 8.82 -0.47
CA ASP A 55 9.52 9.82 -0.73
C ASP A 55 9.47 10.34 -2.16
N SER A 56 8.99 9.52 -3.10
CA SER A 56 8.95 9.94 -4.50
C SER A 56 8.04 11.13 -4.71
N LEU A 57 6.99 11.27 -3.89
CA LEU A 57 6.08 12.40 -4.03
C LEU A 57 6.72 13.72 -3.64
N GLY A 58 7.82 13.69 -2.90
CA GLY A 58 8.50 14.90 -2.47
C GLY A 58 8.26 15.32 -1.04
N CYS A 59 7.61 14.48 -0.23
CA CYS A 59 7.38 14.83 1.17
C CYS A 59 8.70 14.88 1.92
N ARG A 60 8.83 15.88 2.81
CA ARG A 60 10.06 16.09 3.56
C ARG A 60 9.88 16.04 5.06
N ILE A 61 8.67 15.77 5.56
CA ILE A 61 8.43 15.72 6.99
C ILE A 61 7.48 14.55 7.28
N CYS A 62 7.77 13.82 8.36
CA CYS A 62 6.97 12.67 8.76
C CYS A 62 6.63 12.79 10.25
N LEU A 63 5.65 12.02 10.67
CA LEU A 63 5.16 12.05 12.05
C LEU A 63 5.26 10.66 12.65
N GLY A 64 5.52 10.60 13.96
CA GLY A 64 5.61 9.34 14.66
C GLY A 64 5.12 9.46 16.08
N ASN A 65 4.82 8.30 16.67
CA ASN A 65 4.35 8.22 18.05
C ASN A 65 5.38 7.46 18.88
N THR A 66 5.87 8.10 19.95
CA THR A 66 6.89 7.48 20.79
C THR A 66 6.29 6.42 21.73
N TYR A 67 5.03 6.58 22.13
CA TYR A 67 4.42 5.64 23.06
C TYR A 67 4.33 4.24 22.46
N HIS A 68 3.91 4.14 21.19
CA HIS A 68 3.79 2.84 20.55
C HIS A 68 5.15 2.20 20.32
N LEU A 69 6.18 2.99 20.03
CA LEU A 69 7.53 2.45 19.95
C LEU A 69 8.02 1.99 21.30
N GLY A 70 7.63 2.69 22.38
CA GLY A 70 7.98 2.23 23.71
C GLY A 70 7.30 0.93 24.08
N LEU A 71 6.06 0.74 23.62
CA LEU A 71 5.35 -0.50 23.90
C LEU A 71 6.08 -1.70 23.30
N ARG A 72 6.57 -1.57 22.07
CA ARG A 72 7.33 -2.63 21.43
C ARG A 72 8.31 -2.01 20.46
N PRO A 73 9.54 -2.54 20.35
CA PRO A 73 10.03 -3.68 21.13
C PRO A 73 10.63 -3.28 22.47
N GLY A 74 10.48 -2.00 22.84
CA GLY A 74 10.99 -1.51 24.10
C GLY A 74 12.00 -0.40 23.91
N PRO A 75 12.00 0.57 24.84
CA PRO A 75 12.98 1.67 24.74
C PRO A 75 14.42 1.20 24.70
N GLU A 76 14.77 0.14 25.43
CA GLU A 76 16.16 -0.31 25.47
C GLU A 76 16.61 -0.85 24.11
N LEU A 77 15.78 -1.67 23.47
CA LEU A 77 16.16 -2.22 22.17
C LEU A 77 16.18 -1.14 21.10
N ILE A 78 15.23 -0.21 21.14
CA ILE A 78 15.20 0.87 20.16
C ILE A 78 16.37 1.83 20.36
N ARG A 79 16.87 1.95 21.59
CA ARG A 79 18.06 2.76 21.85
C ARG A 79 19.34 2.04 21.44
N LYS A 80 19.39 0.72 21.62
CA LYS A 80 20.62 -0.02 21.32
C LYS A 80 21.01 0.10 19.85
N ALA A 81 20.03 -0.01 18.94
CA ALA A 81 20.29 0.02 17.52
C ALA A 81 19.96 1.36 16.88
N GLN A 82 19.68 2.39 17.67
CA GLN A 82 19.23 3.70 17.16
C GLN A 82 18.02 3.52 16.24
N GLY A 83 16.95 3.02 16.85
CA GLY A 83 15.80 2.52 16.12
C GLY A 83 15.16 3.44 15.10
N LEU A 84 14.52 4.52 15.57
CA LEU A 84 13.58 5.26 14.73
C LEU A 84 14.19 5.75 13.42
N HIS A 85 15.49 6.08 13.44
CA HIS A 85 16.11 6.61 12.23
C HIS A 85 16.25 5.55 11.15
N GLY A 86 16.91 4.44 11.47
CA GLY A 86 17.15 3.37 10.51
C GLY A 86 16.09 2.30 10.46
N PHE A 87 14.96 2.49 11.15
CA PHE A 87 13.94 1.45 11.23
C PHE A 87 12.94 1.60 10.08
N MET A 88 12.28 2.74 10.00
CA MET A 88 11.35 3.01 8.91
C MET A 88 12.05 3.47 7.64
N ASN A 89 13.37 3.64 7.69
CA ASN A 89 14.18 4.06 6.55
C ASN A 89 13.81 5.44 6.04
N TRP A 90 13.19 6.26 6.89
CA TRP A 90 12.80 7.60 6.49
C TRP A 90 14.01 8.52 6.53
N PRO A 91 14.41 9.11 5.40
CA PRO A 91 15.63 9.93 5.38
C PRO A 91 15.37 11.39 5.74
N HIS A 92 14.12 11.81 5.69
CA HIS A 92 13.77 13.20 5.92
C HIS A 92 13.50 13.44 7.41
N ASN A 93 13.03 14.64 7.74
CA ASN A 93 12.76 14.98 9.13
C ASN A 93 11.50 14.27 9.61
N LEU A 94 11.50 13.89 10.89
CA LEU A 94 10.37 13.22 11.50
C LEU A 94 10.02 13.91 12.81
N LEU A 95 8.73 14.02 13.08
CA LEU A 95 8.21 14.65 14.30
C LEU A 95 7.61 13.56 15.18
N THR A 96 8.11 13.45 16.41
CA THR A 96 7.64 12.45 17.35
C THR A 96 6.48 13.02 18.17
N ASP A 97 5.54 12.15 18.54
CA ASP A 97 4.41 12.52 19.36
C ASP A 97 4.41 11.69 20.64
N SER A 98 4.01 12.32 21.75
CA SER A 98 3.96 11.61 23.02
C SER A 98 2.94 10.48 22.98
N GLY A 99 1.78 10.72 22.38
CA GLY A 99 0.76 9.71 22.30
C GLY A 99 0.11 9.45 23.65
N GLY A 100 -0.68 8.38 23.69
CA GLY A 100 -1.34 7.99 24.94
C GLY A 100 -2.55 8.80 25.32
N PHE A 101 -2.46 10.13 25.24
CA PHE A 101 -3.56 11.02 25.60
C PHE A 101 -4.44 11.24 24.37
N GLN A 102 -5.22 10.22 24.04
CA GLN A 102 -6.18 10.33 22.96
C GLN A 102 -7.46 11.00 23.46
N MET A 103 -8.51 10.94 22.63
CA MET A 103 -9.78 11.55 23.01
C MET A 103 -10.44 10.83 24.19
N VAL A 104 -10.02 9.60 24.48
CA VAL A 104 -10.60 8.87 25.61
C VAL A 104 -10.20 9.52 26.93
N SER A 105 -8.99 10.05 27.02
CA SER A 105 -8.48 10.74 28.21
C SER A 105 -8.46 9.73 29.36
N LEU A 106 -8.96 10.08 30.55
CA LEU A 106 -8.92 9.18 31.70
C LEU A 106 -9.91 8.02 31.59
N PHE A 107 -10.84 8.06 30.64
CA PHE A 107 -11.83 7.00 30.54
C PHE A 107 -11.22 5.67 30.14
N SER A 108 -10.15 5.68 29.35
CA SER A 108 -9.48 4.46 28.92
C SER A 108 -8.01 4.41 29.31
N LEU A 109 -7.49 5.43 29.97
CA LEU A 109 -6.09 5.48 30.38
C LEU A 109 -6.00 5.64 31.90
N SER A 110 -4.90 5.15 32.45
CA SER A 110 -4.69 5.22 33.90
C SER A 110 -4.52 6.66 34.35
N GLU A 111 -4.91 6.92 35.60
CA GLU A 111 -4.77 8.25 36.16
C GLU A 111 -3.31 8.64 36.27
N VAL A 112 -3.01 9.90 35.99
CA VAL A 112 -1.63 10.39 35.99
C VAL A 112 -1.17 10.58 37.42
N THR A 113 -0.02 9.97 37.74
CA THR A 113 0.56 10.08 39.07
C THR A 113 1.49 11.28 39.13
N GLU A 114 2.25 11.39 40.22
CA GLU A 114 3.15 12.53 40.38
C GLU A 114 4.32 12.46 39.39
N GLU A 115 4.93 11.28 39.27
CA GLU A 115 6.10 11.15 38.39
C GLU A 115 5.71 11.34 36.92
N GLY A 116 4.60 10.76 36.49
CA GLY A 116 4.18 10.87 35.11
C GLY A 116 2.91 10.12 34.79
N VAL A 117 2.83 9.55 33.59
CA VAL A 117 1.65 8.82 33.14
C VAL A 117 2.02 7.35 32.98
N HIS A 118 1.11 6.48 33.40
CA HIS A 118 1.30 5.04 33.33
C HIS A 118 0.30 4.44 32.34
N PHE A 119 0.79 3.53 31.50
CA PHE A 119 -0.03 2.88 30.49
C PHE A 119 -0.28 1.42 30.87
N ARG A 120 -1.34 0.87 30.29
CA ARG A 120 -1.69 -0.53 30.48
C ARG A 120 -1.54 -1.29 29.18
N SER A 121 -1.20 -2.58 29.31
CA SER A 121 -0.95 -3.43 28.16
C SER A 121 -1.54 -4.80 28.45
N PRO A 122 -1.84 -5.59 27.40
CA PRO A 122 -2.34 -6.96 27.64
C PRO A 122 -1.38 -7.80 28.46
N TYR A 123 -0.08 -7.58 28.34
CA TYR A 123 0.92 -8.28 29.14
C TYR A 123 1.37 -7.36 30.27
N ASP A 124 1.52 -7.94 31.47
CA ASP A 124 1.87 -7.13 32.63
C ASP A 124 3.25 -6.50 32.48
N GLY A 125 4.20 -7.24 31.92
CA GLY A 125 5.55 -6.74 31.78
C GLY A 125 5.82 -5.84 30.60
N GLU A 126 4.82 -5.61 29.74
CA GLU A 126 5.00 -4.76 28.57
C GLU A 126 4.88 -3.27 28.88
N GLU A 127 4.36 -2.92 30.05
CA GLU A 127 4.18 -1.51 30.38
C GLU A 127 5.53 -0.83 30.59
N THR A 128 5.60 0.44 30.20
CA THR A 128 6.80 1.25 30.33
C THR A 128 6.47 2.59 30.95
N LEU A 129 7.39 3.11 31.74
CA LEU A 129 7.22 4.41 32.38
C LEU A 129 7.38 5.53 31.38
N LEU A 130 6.53 6.55 31.47
CA LEU A 130 6.62 7.74 30.63
C LEU A 130 6.65 8.96 31.53
N SER A 131 7.84 9.35 31.94
CA SER A 131 8.20 10.53 32.70
C SER A 131 8.79 11.58 31.77
N PRO A 132 8.67 12.87 32.10
CA PRO A 132 9.27 13.89 31.23
C PRO A 132 10.76 13.68 31.02
N GLU A 133 11.49 13.29 32.07
CA GLU A 133 12.88 12.89 31.87
C GLU A 133 12.97 11.62 31.03
N ARG A 134 12.11 10.64 31.31
CA ARG A 134 12.07 9.44 30.49
C ARG A 134 11.66 9.75 29.06
N SER A 135 10.69 10.66 28.89
CA SER A 135 10.25 11.04 27.55
C SER A 135 11.38 11.69 26.77
N VAL A 136 12.11 12.62 27.40
CA VAL A 136 13.21 13.27 26.69
C VAL A 136 14.33 12.28 26.42
N GLU A 137 14.57 11.33 27.33
CA GLU A 137 15.60 10.33 27.09
C GLU A 137 15.24 9.44 25.91
N ILE A 138 14.01 8.94 25.87
CA ILE A 138 13.61 8.06 24.77
C ILE A 138 13.56 8.82 23.46
N GLN A 139 13.18 10.10 23.49
CA GLN A 139 13.16 10.87 22.24
C GLN A 139 14.57 11.21 21.76
N ASN A 140 15.50 11.45 22.68
CA ASN A 140 16.91 11.58 22.27
C ASN A 140 17.42 10.26 21.70
N ALA A 141 16.95 9.14 22.24
CA ALA A 141 17.27 7.84 21.66
C ALA A 141 16.74 7.74 20.24
N LEU A 142 15.51 8.22 20.01
CA LEU A 142 14.96 8.23 18.66
C LEU A 142 15.76 9.16 17.76
N GLY A 143 16.19 10.31 18.29
CA GLY A 143 17.03 11.22 17.53
C GLY A 143 16.31 12.05 16.48
N SER A 144 15.03 12.32 16.68
CA SER A 144 14.29 13.14 15.73
C SER A 144 14.69 14.61 15.85
N ASP A 145 14.51 15.35 14.75
CA ASP A 145 14.85 16.77 14.76
C ASP A 145 13.95 17.56 15.70
N ILE A 146 12.66 17.23 15.73
CA ILE A 146 11.70 17.89 16.61
C ILE A 146 11.34 16.92 17.74
N ILE A 147 11.49 17.38 18.98
CA ILE A 147 11.29 16.55 20.16
C ILE A 147 9.97 16.94 20.81
N MET A 148 9.13 15.95 21.05
CA MET A 148 7.85 16.17 21.70
C MET A 148 8.06 16.42 23.19
N GLN A 149 7.12 17.13 23.81
CA GLN A 149 7.13 17.31 25.26
C GLN A 149 5.85 16.74 25.85
N LEU A 150 5.98 16.07 26.99
CA LEU A 150 4.85 15.38 27.61
C LEU A 150 3.82 16.40 28.07
N ASP A 151 2.56 16.18 27.69
CA ASP A 151 1.51 17.17 27.90
C ASP A 151 0.20 16.48 28.24
N HIS A 152 -0.67 17.22 28.95
CA HIS A 152 -2.03 16.75 29.24
C HIS A 152 -2.96 17.17 28.11
N VAL A 153 -2.89 16.42 27.01
CA VAL A 153 -3.79 16.66 25.89
C VAL A 153 -5.19 16.20 26.25
N VAL A 154 -6.18 17.07 26.00
CA VAL A 154 -7.57 16.78 26.33
C VAL A 154 -8.43 16.97 25.08
N SER A 155 -9.59 16.34 25.09
CA SER A 155 -10.52 16.41 23.97
C SER A 155 -11.35 17.69 24.04
N VAL A 158 -13.73 18.12 27.02
CA VAL A 158 -13.23 18.25 28.39
C VAL A 158 -13.40 19.68 28.87
N THR A 159 -14.26 19.87 29.86
CA THR A 159 -14.57 21.17 30.42
C THR A 159 -14.27 21.18 31.92
N GLY A 160 -14.62 22.29 32.57
CA GLY A 160 -14.43 22.44 33.98
C GLY A 160 -13.00 22.73 34.37
N PRO A 161 -12.69 22.64 35.66
CA PRO A 161 -11.32 22.89 36.11
C PRO A 161 -10.35 21.75 35.80
N LEU A 162 -10.85 20.65 35.24
CA LEU A 162 -9.98 19.57 34.81
C LEU A 162 -8.91 20.10 33.86
N VAL A 163 -9.33 20.93 32.90
CA VAL A 163 -8.37 21.59 32.02
C VAL A 163 -7.48 22.55 32.78
N GLU A 164 -7.96 23.13 33.88
CA GLU A 164 -7.15 24.06 34.66
C GLU A 164 -5.95 23.34 35.29
N GLU A 165 -6.21 22.24 35.99
CA GLU A 165 -5.08 21.48 36.50
C GLU A 165 -4.30 20.79 35.38
N ALA A 166 -4.94 20.52 34.23
CA ALA A 166 -4.22 19.98 33.10
C ALA A 166 -3.16 20.95 32.60
N MET A 167 -3.52 22.24 32.47
CA MET A 167 -2.54 23.23 32.01
C MET A 167 -1.51 23.50 33.10
N HIS A 168 -1.91 23.46 34.38
CA HIS A 168 -0.92 23.58 35.44
C HIS A 168 0.15 22.49 35.34
N ARG A 169 -0.29 21.23 35.25
CA ARG A 169 0.67 20.13 35.15
C ARG A 169 1.41 20.16 33.82
N SER A 170 0.79 20.69 32.77
CA SER A 170 1.49 20.85 31.50
C SER A 170 2.65 21.83 31.63
N VAL A 171 2.42 22.95 32.33
CA VAL A 171 3.50 23.90 32.57
C VAL A 171 4.59 23.25 33.43
N ARG A 172 4.18 22.50 34.46
CA ARG A 172 5.17 21.85 35.31
C ARG A 172 6.02 20.86 34.53
N TRP A 173 5.39 20.06 33.67
CA TRP A 173 6.14 19.09 32.87
C TRP A 173 6.98 19.78 31.79
N LEU A 174 6.52 20.91 31.26
CA LEU A 174 7.37 21.68 30.35
C LEU A 174 8.62 22.17 31.04
N ASP A 175 8.47 22.66 32.28
CA ASP A 175 9.64 23.08 33.05
C ASP A 175 10.57 21.91 33.32
N ARG A 176 10.00 20.75 33.67
CA ARG A 176 10.81 19.57 33.94
C ARG A 176 11.56 19.11 32.69
N CYS A 177 10.89 19.15 31.52
CA CYS A 177 11.53 18.77 30.27
C CYS A 177 12.65 19.75 29.92
N ILE A 178 12.42 21.04 30.13
CA ILE A 178 13.45 22.04 29.85
C ILE A 178 14.66 21.81 30.75
N ALA A 179 14.41 21.51 32.03
CA ALA A 179 15.52 21.23 32.95
C ALA A 179 16.22 19.92 32.60
N ALA A 180 15.51 18.97 32.02
CA ALA A 180 16.08 17.66 31.73
C ALA A 180 16.66 17.55 30.33
N HIS A 181 16.32 18.46 29.43
CA HIS A 181 16.85 18.42 28.08
C HIS A 181 18.34 18.69 28.09
N LYS A 182 19.10 17.93 27.29
CA LYS A 182 20.55 17.97 27.34
C LYS A 182 21.22 18.46 26.06
N HIS A 183 20.52 18.45 24.92
CA HIS A 183 21.06 18.98 23.66
C HIS A 183 20.06 19.95 23.05
N PRO A 184 19.97 21.17 23.59
CA PRO A 184 19.04 22.15 23.02
C PRO A 184 19.36 22.53 21.57
N ASP A 185 20.63 22.54 21.19
CA ASP A 185 20.99 22.95 19.84
C ASP A 185 20.62 21.89 18.81
N LYS A 186 20.89 20.62 19.11
CA LYS A 186 20.69 19.57 18.11
C LYS A 186 19.21 19.29 17.89
N GLN A 187 18.42 19.27 18.96
CA GLN A 187 17.00 18.92 18.88
C GLN A 187 16.16 20.06 19.46
N ASN A 188 14.98 20.26 18.86
CA ASN A 188 14.08 21.33 19.24
C ASN A 188 12.84 20.76 19.93
N LEU A 189 12.34 21.48 20.93
CA LEU A 189 11.16 21.08 21.68
C LEU A 189 10.02 22.04 21.37
N PHE A 190 8.85 21.48 21.07
CA PHE A 190 7.66 22.27 20.75
C PHE A 190 6.70 22.22 21.94
N ALA A 191 6.37 23.40 22.48
CA ALA A 191 5.43 23.48 23.58
C ALA A 191 3.99 23.33 23.08
N ILE A 192 3.09 23.00 24.01
CA ILE A 192 1.68 22.79 23.71
C ILE A 192 0.86 23.73 24.58
N ILE A 193 -0.13 24.36 23.98
CA ILE A 193 -1.01 25.31 24.67
C ILE A 193 -2.38 24.66 24.79
N GLN A 194 -2.86 24.50 26.03
CA GLN A 194 -4.12 23.83 26.30
C GLN A 194 -4.90 24.62 27.34
N GLY A 195 -6.11 25.03 26.97
CA GLY A 195 -6.98 25.79 27.85
C GLY A 195 -8.45 25.46 27.68
N GLY A 196 -8.75 24.37 27.00
CA GLY A 196 -10.12 23.92 26.87
C GLY A 196 -10.95 24.67 25.85
N LEU A 197 -12.01 25.34 26.31
CA LEU A 197 -12.97 25.99 25.41
C LEU A 197 -13.01 27.50 25.56
N ASN A 198 -12.58 28.05 26.69
CA ASN A 198 -12.57 29.49 26.92
C ASN A 198 -11.21 30.06 26.54
N ALA A 199 -11.18 31.38 26.31
CA ALA A 199 -9.99 32.04 25.79
C ALA A 199 -9.14 32.71 26.86
N ASP A 200 -9.74 33.12 27.99
CA ASP A 200 -8.97 33.84 29.00
C ASP A 200 -7.86 33.00 29.59
N LEU A 201 -8.17 31.75 29.96
CA LEU A 201 -7.13 30.87 30.47
C LEU A 201 -6.14 30.49 29.37
N ARG A 202 -6.62 30.38 28.13
CA ARG A 202 -5.69 30.24 27.01
C ARG A 202 -4.82 31.48 26.84
N THR A 203 -5.37 32.67 27.05
CA THR A 203 -4.56 33.88 26.99
C THR A 203 -3.46 33.84 28.05
N THR A 204 -3.81 33.39 29.26
CA THR A 204 -2.79 33.22 30.28
C THR A 204 -1.75 32.19 29.87
N CYS A 205 -2.20 31.08 29.25
CA CYS A 205 -1.28 30.04 28.78
C CYS A 205 -0.28 30.60 27.78
N LEU A 206 -0.78 31.35 26.79
CA LEU A 206 0.08 32.11 25.91
C LEU A 206 1.06 32.96 26.70
N LYS A 207 0.59 33.57 27.80
CA LYS A 207 1.47 34.41 28.58
C LYS A 207 2.66 33.64 29.13
N GLU A 208 2.42 32.50 29.81
CA GLU A 208 3.60 31.86 30.42
C GLU A 208 4.45 31.16 29.35
N MET A 209 3.83 30.50 28.36
CA MET A 209 4.67 29.87 27.33
C MET A 209 5.35 30.88 26.41
N THR A 210 4.96 32.16 26.46
CA THR A 210 5.77 33.19 25.82
C THR A 210 6.83 33.73 26.77
N LYS A 211 6.60 33.64 28.09
CA LYS A 211 7.65 33.96 29.04
C LYS A 211 8.83 33.00 28.89
N ARG A 212 8.55 31.73 28.69
CA ARG A 212 9.58 30.73 28.44
C ARG A 212 9.98 30.77 26.97
N ASP A 213 11.29 30.77 26.71
CA ASP A 213 11.80 30.88 25.35
C ASP A 213 12.05 29.49 24.74
N VAL A 214 10.96 28.74 24.60
CA VAL A 214 11.01 27.44 23.95
C VAL A 214 11.18 27.65 22.45
N PRO A 215 11.87 26.76 21.74
CA PRO A 215 12.11 26.98 20.30
C PRO A 215 10.88 26.81 19.43
N GLY A 216 9.77 26.29 19.96
CA GLY A 216 8.59 26.05 19.14
C GLY A 216 7.31 26.23 19.92
N PHE A 217 6.21 26.33 19.17
CA PHE A 217 4.89 26.53 19.72
C PHE A 217 3.89 25.62 19.01
N ALA A 218 2.82 25.27 19.71
CA ALA A 218 1.78 24.44 19.14
C ALA A 218 0.48 24.68 19.88
N ILE A 219 -0.61 24.26 19.27
CA ILE A 219 -1.95 24.36 19.84
C ILE A 219 -2.63 23.00 19.68
N GLY A 220 -3.42 22.61 20.69
CA GLY A 220 -4.04 21.30 20.70
C GLY A 220 -5.36 21.31 21.42
N GLY A 221 -6.03 20.15 21.39
CA GLY A 221 -7.33 20.01 22.03
C GLY A 221 -8.48 20.66 21.31
N LEU A 222 -8.34 20.90 20.00
CA LEU A 222 -9.34 21.67 19.25
C LEU A 222 -10.25 20.78 18.40
N SER A 223 -9.67 19.96 17.54
CA SER A 223 -10.45 19.16 16.62
C SER A 223 -11.24 18.08 17.37
N GLY A 224 -12.47 17.84 16.92
CA GLY A 224 -13.33 16.84 17.51
C GLY A 224 -14.12 17.29 18.72
N GLY A 225 -13.98 18.55 19.14
CA GLY A 225 -14.72 19.02 20.30
C GLY A 225 -15.49 20.31 20.05
N GLU A 226 -15.13 21.03 18.99
CA GLU A 226 -15.77 22.31 18.70
C GLU A 226 -15.92 22.47 17.20
N SER A 227 -16.75 23.44 16.81
CA SER A 227 -16.99 23.72 15.40
C SER A 227 -15.78 24.43 14.79
N LYS A 228 -15.85 24.62 13.47
CA LYS A 228 -14.72 25.21 12.74
C LYS A 228 -14.60 26.72 12.94
N ALA A 229 -15.72 27.41 13.15
CA ALA A 229 -15.68 28.87 13.32
C ALA A 229 -14.92 29.24 14.58
N GLN A 230 -15.30 28.66 15.71
CA GLN A 230 -14.62 28.94 16.97
C GLN A 230 -13.19 28.42 16.92
N PHE A 231 -12.96 27.32 16.21
CA PHE A 231 -11.62 26.78 16.01
C PHE A 231 -10.72 27.80 15.32
N TRP A 232 -11.16 28.34 14.18
CA TRP A 232 -10.32 29.30 13.46
C TRP A 232 -10.17 30.59 14.25
N LYS A 233 -11.20 31.00 14.99
CA LYS A 233 -11.06 32.19 15.84
C LYS A 233 -9.96 31.99 16.87
N MET A 234 -9.94 30.83 17.52
CA MET A 234 -8.88 30.53 18.48
C MET A 234 -7.52 30.48 17.83
N VAL A 235 -7.43 29.84 16.64
CA VAL A 235 -6.17 29.78 15.93
C VAL A 235 -5.68 31.17 15.57
N ALA A 236 -6.58 32.03 15.11
CA ALA A 236 -6.20 33.39 14.73
C ALA A 236 -5.69 34.18 15.93
N LEU A 237 -6.40 34.09 17.06
CA LEU A 237 -5.94 34.83 18.24
C LEU A 237 -4.60 34.31 18.74
N SER A 238 -4.41 32.98 18.71
CA SER A 238 -3.14 32.40 19.13
C SER A 238 -2.00 32.85 18.22
N THR A 239 -2.22 32.84 16.91
CA THR A 239 -1.18 33.28 15.97
C THR A 239 -0.88 34.76 16.14
N SER A 240 -1.90 35.58 16.37
CA SER A 240 -1.68 37.00 16.59
C SER A 240 -0.86 37.25 17.86
N MET A 241 -1.15 36.49 18.92
CA MET A 241 -0.41 36.66 20.16
C MET A 241 1.06 36.25 19.97
N LEU A 242 1.28 35.06 19.43
CA LEU A 242 2.63 34.56 19.26
C LEU A 242 3.41 35.38 18.24
N PRO A 243 4.73 35.51 18.41
CA PRO A 243 5.53 36.26 17.44
C PRO A 243 5.76 35.48 16.15
N LYS A 244 6.56 36.05 15.24
CA LYS A 244 6.83 35.44 13.95
C LYS A 244 8.19 34.77 13.87
N ASP A 245 8.99 34.82 14.93
CA ASP A 245 10.33 34.24 14.91
C ASP A 245 10.37 32.77 15.31
N LYS A 246 9.23 32.19 15.68
CA LYS A 246 9.18 30.80 16.08
C LYS A 246 8.05 30.09 15.34
N PRO A 247 8.24 28.81 15.02
CA PRO A 247 7.21 28.08 14.28
C PRO A 247 5.95 27.85 15.09
N ARG A 248 4.83 27.75 14.38
CA ARG A 248 3.54 27.46 14.98
C ARG A 248 3.00 26.17 14.40
N TYR A 249 2.55 25.27 15.27
CA TYR A 249 2.05 23.95 14.88
C TYR A 249 0.56 23.87 15.15
N LEU A 250 -0.15 23.12 14.30
CA LEU A 250 -1.58 22.93 14.41
C LEU A 250 -1.90 21.45 14.26
N MET A 251 -2.89 20.98 15.01
CA MET A 251 -3.32 19.59 14.97
C MET A 251 -4.74 19.49 14.43
N GLY A 252 -5.14 18.27 14.11
CA GLY A 252 -6.49 18.02 13.63
C GLY A 252 -6.83 18.72 12.33
N VAL A 253 -5.90 18.74 11.38
CA VAL A 253 -6.08 19.43 10.11
C VAL A 253 -5.62 18.52 8.98
N GLY A 254 -5.90 18.96 7.75
CA GLY A 254 -5.58 18.17 6.57
C GLY A 254 -6.61 18.32 5.47
N TYR A 255 -7.81 18.76 5.83
CA TYR A 255 -8.80 19.08 4.82
C TYR A 255 -8.37 20.30 4.02
N ALA A 256 -8.77 20.34 2.75
CA ALA A 256 -8.32 21.41 1.87
C ALA A 256 -8.78 22.77 2.35
N THR A 257 -10.08 22.92 2.62
CA THR A 257 -10.61 24.20 3.08
C THR A 257 -10.02 24.58 4.44
N ASP A 258 -9.95 23.62 5.35
CA ASP A 258 -9.39 23.89 6.67
C ASP A 258 -7.94 24.34 6.57
N LEU A 259 -7.14 23.63 5.77
CA LEU A 259 -5.74 23.96 5.64
C LEU A 259 -5.53 25.32 4.99
N VAL A 260 -6.32 25.63 3.96
CA VAL A 260 -6.19 26.93 3.30
C VAL A 260 -6.58 28.06 4.25
N VAL A 261 -7.67 27.89 5.01
CA VAL A 261 -8.10 28.92 5.94
C VAL A 261 -7.03 29.12 7.02
N CYS A 262 -6.48 28.03 7.54
CA CYS A 262 -5.47 28.15 8.59
C CYS A 262 -4.17 28.74 8.06
N VAL A 263 -3.83 28.46 6.79
CA VAL A 263 -2.69 29.12 6.16
C VAL A 263 -2.94 30.63 6.09
N ALA A 264 -4.15 31.01 5.68
CA ALA A 264 -4.50 32.43 5.64
C ALA A 264 -4.42 33.05 7.03
N LEU A 265 -4.72 32.28 8.07
CA LEU A 265 -4.63 32.81 9.42
C LEU A 265 -3.19 32.99 9.88
N GLY A 266 -2.27 32.18 9.35
CA GLY A 266 -0.87 32.33 9.68
C GLY A 266 -0.22 31.09 10.25
N CYS A 267 -0.77 29.92 9.95
CA CYS A 267 -0.20 28.67 10.44
C CYS A 267 1.00 28.27 9.58
N ASP A 268 1.79 27.33 10.10
CA ASP A 268 3.01 26.89 9.42
C ASP A 268 3.05 25.38 9.27
N MET A 269 2.54 24.65 10.27
CA MET A 269 2.58 23.19 10.27
C MET A 269 1.17 22.63 10.28
N PHE A 270 1.00 21.50 9.58
CA PHE A 270 -0.29 20.82 9.49
C PHE A 270 -0.05 19.32 9.55
N ASP A 271 -0.80 18.63 10.40
CA ASP A 271 -0.64 17.19 10.57
C ASP A 271 -1.54 16.39 9.64
N ARG A 280 -6.50 2.20 6.31
CA ARG A 280 -7.66 1.76 5.55
C ARG A 280 -8.06 2.80 4.51
N PHE A 281 -7.45 2.71 3.34
CA PHE A 281 -7.74 3.65 2.25
C PHE A 281 -9.01 3.20 1.53
N GLY A 282 -9.29 3.81 0.37
CA GLY A 282 -10.46 3.49 -0.40
C GLY A 282 -11.16 4.71 -0.96
N SER A 283 -10.59 5.89 -0.73
CA SER A 283 -11.13 7.14 -1.24
C SER A 283 -10.00 7.99 -1.80
N ALA A 284 -10.36 8.88 -2.72
CA ALA A 284 -9.40 9.71 -3.42
C ALA A 284 -9.73 11.18 -3.24
N LEU A 285 -8.70 12.02 -3.42
CA LEU A 285 -8.83 13.47 -3.33
C LEU A 285 -8.42 14.08 -4.66
N VAL A 286 -9.29 14.91 -5.22
CA VAL A 286 -9.06 15.55 -6.52
C VAL A 286 -9.44 17.03 -6.37
N PRO A 287 -9.15 17.89 -7.35
CA PRO A 287 -9.53 19.30 -7.20
C PRO A 287 -11.00 19.53 -6.95
N THR A 288 -11.88 18.70 -7.51
CA THR A 288 -13.31 18.87 -7.26
C THR A 288 -13.70 18.52 -5.83
N GLY A 289 -12.87 17.79 -5.11
CA GLY A 289 -13.13 17.49 -3.71
C GLY A 289 -12.69 16.08 -3.38
N ASN A 290 -13.26 15.56 -2.29
CA ASN A 290 -12.99 14.20 -1.85
C ASN A 290 -14.08 13.28 -2.36
N LEU A 291 -13.69 12.31 -3.18
CA LEU A 291 -14.63 11.36 -3.76
C LEU A 291 -14.15 9.94 -3.53
N GLN A 292 -15.08 9.08 -3.13
CA GLN A 292 -14.80 7.69 -2.83
C GLN A 292 -14.67 6.91 -4.13
N LEU A 293 -13.57 6.17 -4.27
CA LEU A 293 -13.38 5.35 -5.46
C LEU A 293 -14.31 4.13 -5.45
N LYS A 294 -14.90 3.81 -4.29
CA LYS A 294 -15.86 2.71 -4.22
C LYS A 294 -17.09 2.96 -5.08
N LYS A 295 -17.33 4.21 -5.47
CA LYS A 295 -18.53 4.55 -6.23
C LYS A 295 -18.58 3.78 -7.54
N LYS A 296 -19.74 3.21 -7.85
CA LYS A 296 -19.96 2.49 -9.09
C LYS A 296 -20.56 3.37 -10.19
N GLN A 297 -20.82 4.64 -9.90
CA GLN A 297 -21.40 5.52 -10.91
C GLN A 297 -20.43 5.81 -12.05
N TYR A 298 -19.12 5.82 -11.76
CA TYR A 298 -18.09 6.06 -12.77
C TYR A 298 -17.13 4.88 -12.86
N ALA A 299 -17.56 3.71 -12.39
CA ALA A 299 -16.74 2.50 -12.47
C ALA A 299 -16.47 2.08 -13.90
N LYS A 300 -17.27 2.53 -14.87
CA LYS A 300 -17.07 2.16 -16.26
C LYS A 300 -16.19 3.12 -17.03
N ASP A 301 -16.22 4.41 -16.68
CA ASP A 301 -15.44 5.40 -17.42
C ASP A 301 -13.95 5.13 -17.28
N PHE A 302 -13.24 5.19 -18.41
CA PHE A 302 -11.82 4.89 -18.48
C PHE A 302 -10.93 6.12 -18.32
N SER A 303 -11.52 7.28 -18.06
CA SER A 303 -10.72 8.48 -17.86
C SER A 303 -9.98 8.41 -16.53
N PRO A 304 -8.81 9.05 -16.42
CA PRO A 304 -8.09 9.06 -15.15
C PRO A 304 -8.83 9.85 -14.09
N ILE A 305 -8.46 9.59 -12.83
CA ILE A 305 -9.09 10.29 -11.71
C ILE A 305 -8.80 11.78 -11.81
N ASN A 306 -7.60 12.15 -12.23
CA ASN A 306 -7.23 13.54 -12.44
C ASN A 306 -6.23 13.64 -13.59
N PRO A 307 -6.62 14.23 -14.72
CA PRO A 307 -5.69 14.33 -15.85
C PRO A 307 -4.42 15.11 -15.54
N GLU A 308 -4.51 16.12 -14.69
CA GLU A 308 -3.37 17.00 -14.39
C GLU A 308 -2.63 16.60 -13.12
N CYS A 309 -3.04 15.54 -12.45
CA CYS A 309 -2.36 15.13 -11.23
C CYS A 309 -1.04 14.43 -11.58
N PRO A 310 0.08 14.85 -10.99
CA PRO A 310 1.36 14.21 -11.31
C PRO A 310 1.56 12.84 -10.68
N CYS A 311 0.60 12.36 -9.88
CA CYS A 311 0.75 11.06 -9.25
C CYS A 311 0.70 9.96 -10.31
N PRO A 312 1.47 8.88 -10.11
CA PRO A 312 1.48 7.78 -11.10
C PRO A 312 0.12 7.14 -11.29
N THR A 313 -0.73 7.13 -10.26
CA THR A 313 -2.00 6.41 -10.33
C THR A 313 -2.89 6.95 -11.45
N CYS A 314 -3.05 8.27 -11.52
CA CYS A 314 -3.91 8.85 -12.55
C CYS A 314 -3.24 8.82 -13.91
N GLN A 315 -1.94 9.12 -13.96
CA GLN A 315 -1.27 9.24 -15.25
C GLN A 315 -1.04 7.89 -15.91
N THR A 316 -1.08 6.80 -15.15
CA THR A 316 -0.81 5.47 -15.68
C THR A 316 -2.04 4.57 -15.67
N HIS A 317 -2.94 4.75 -14.71
CA HIS A 317 -4.07 3.85 -14.52
C HIS A 317 -5.37 4.62 -14.55
N SER A 318 -6.45 3.92 -14.85
CA SER A 318 -7.77 4.52 -15.01
C SER A 318 -8.67 4.22 -13.81
N ARG A 319 -9.80 4.92 -13.75
CA ARG A 319 -10.75 4.70 -12.67
C ARG A 319 -11.36 3.30 -12.74
N ALA A 320 -11.65 2.83 -13.95
CA ALA A 320 -12.24 1.49 -14.10
C ALA A 320 -11.30 0.40 -13.61
N PHE A 321 -10.02 0.51 -13.95
CA PHE A 321 -9.05 -0.50 -13.53
C PHE A 321 -8.91 -0.52 -12.02
N LEU A 322 -8.85 0.65 -11.38
CA LEU A 322 -8.77 0.68 -9.92
C LEU A 322 -10.05 0.16 -9.28
N HIS A 323 -11.21 0.45 -9.86
CA HIS A 323 -12.45 -0.08 -9.33
C HIS A 323 -12.48 -1.60 -9.41
N ALA A 324 -11.97 -2.16 -10.51
CA ALA A 324 -11.83 -3.60 -10.60
C ALA A 324 -10.78 -4.14 -9.64
N LEU A 325 -9.75 -3.35 -9.35
CA LEU A 325 -8.66 -3.72 -8.46
C LEU A 325 -8.85 -3.23 -7.03
N LEU A 326 -9.98 -2.58 -6.74
CA LEU A 326 -10.14 -1.94 -5.44
C LEU A 326 -10.06 -2.95 -4.30
N HIS A 327 -10.67 -4.12 -4.48
CA HIS A 327 -10.49 -5.22 -3.55
C HIS A 327 -9.87 -6.45 -4.18
N SER A 328 -9.78 -6.51 -5.52
CA SER A 328 -9.16 -7.64 -6.20
C SER A 328 -7.75 -7.91 -5.68
N ASP A 329 -6.93 -6.88 -5.56
CA ASP A 329 -5.67 -6.96 -4.82
C ASP A 329 -5.72 -5.80 -3.83
N ASN A 330 -6.17 -6.08 -2.61
CA ASN A 330 -6.50 -5.02 -1.66
C ASN A 330 -5.28 -4.16 -1.35
N THR A 331 -4.11 -4.79 -1.14
CA THR A 331 -2.91 -4.03 -0.82
C THR A 331 -2.55 -3.07 -1.92
N THR A 332 -2.61 -3.52 -3.19
CA THR A 332 -2.26 -2.66 -4.31
C THR A 332 -3.18 -1.46 -4.40
N ALA A 333 -4.49 -1.68 -4.28
CA ALA A 333 -5.44 -0.58 -4.36
C ALA A 333 -5.26 0.40 -3.21
N LEU A 334 -5.06 -0.12 -1.99
CA LEU A 334 -4.85 0.76 -0.85
C LEU A 334 -3.60 1.60 -1.03
N HIS A 335 -2.52 0.98 -1.52
CA HIS A 335 -1.29 1.71 -1.77
C HIS A 335 -1.50 2.81 -2.82
N HIS A 336 -2.19 2.47 -3.91
CA HIS A 336 -2.44 3.44 -4.98
C HIS A 336 -3.26 4.61 -4.46
N LEU A 337 -4.34 4.33 -3.73
CA LEU A 337 -5.20 5.39 -3.24
C LEU A 337 -4.46 6.27 -2.24
N THR A 338 -3.72 5.67 -1.32
CA THR A 338 -3.02 6.46 -0.31
C THR A 338 -1.94 7.33 -0.95
N VAL A 339 -1.18 6.79 -1.90
CA VAL A 339 -0.14 7.57 -2.55
C VAL A 339 -0.76 8.69 -3.38
N HIS A 340 -1.92 8.44 -4.01
CA HIS A 340 -2.59 9.49 -4.75
C HIS A 340 -3.05 10.62 -3.83
N ASN A 341 -3.62 10.27 -2.67
CA ASN A 341 -4.06 11.29 -1.74
C ASN A 341 -2.90 12.10 -1.19
N ILE A 342 -1.79 11.44 -0.87
CA ILE A 342 -0.63 12.17 -0.35
C ILE A 342 -0.05 13.08 -1.43
N ALA A 343 -0.01 12.60 -2.68
CA ALA A 343 0.46 13.44 -3.78
C ALA A 343 -0.46 14.65 -3.97
N TYR A 344 -1.77 14.45 -3.86
CA TYR A 344 -2.70 15.57 -3.97
C TYR A 344 -2.49 16.59 -2.85
N GLN A 345 -2.28 16.11 -1.63
CA GLN A 345 -2.04 17.03 -0.51
C GLN A 345 -0.76 17.83 -0.75
N LEU A 346 0.30 17.16 -1.20
CA LEU A 346 1.55 17.86 -1.48
C LEU A 346 1.37 18.88 -2.59
N GLN A 347 0.64 18.53 -3.64
CA GLN A 347 0.39 19.46 -4.73
C GLN A 347 -0.42 20.66 -4.28
N LEU A 348 -1.43 20.43 -3.43
CA LEU A 348 -2.21 21.54 -2.90
C LEU A 348 -1.36 22.47 -2.05
N LEU A 349 -0.50 21.90 -1.21
CA LEU A 349 0.40 22.73 -0.40
C LEU A 349 1.34 23.54 -1.28
N SER A 350 1.89 22.91 -2.32
CA SER A 350 2.78 23.63 -3.23
C SER A 350 2.06 24.75 -3.96
N ALA A 351 0.82 24.50 -4.40
CA ALA A 351 0.05 25.53 -5.07
C ALA A 351 -0.27 26.69 -4.14
N VAL A 352 -0.62 26.39 -2.89
CA VAL A 352 -0.90 27.46 -1.92
C VAL A 352 0.36 28.28 -1.68
N ARG A 353 1.50 27.62 -1.50
CA ARG A 353 2.75 28.35 -1.27
C ARG A 353 3.11 29.20 -2.48
N SER A 354 2.90 28.68 -3.68
CA SER A 354 3.17 29.47 -4.89
C SER A 354 2.26 30.69 -4.97
N SER A 355 0.98 30.52 -4.64
CA SER A 355 0.08 31.66 -4.63
C SER A 355 0.52 32.68 -3.58
N ILE A 356 1.11 32.22 -2.49
CA ILE A 356 1.66 33.14 -1.50
C ILE A 356 2.87 33.89 -2.06
N LEU A 357 3.72 33.20 -2.82
CA LEU A 357 5.03 33.75 -3.17
C LEU A 357 4.92 35.02 -4.01
N GLU A 358 4.15 34.97 -5.10
CA GLU A 358 4.01 36.12 -6.00
C GLU A 358 2.69 36.85 -5.83
N GLN A 359 2.05 36.70 -4.68
CA GLN A 359 0.91 37.55 -4.28
C GLN A 359 -0.26 37.42 -5.25
N ARG A 360 -0.90 36.25 -5.25
CA ARG A 360 -2.19 36.09 -5.89
C ARG A 360 -3.25 35.56 -4.93
N PHE A 361 -2.87 35.26 -3.69
CA PHE A 361 -3.74 34.53 -2.76
C PHE A 361 -5.14 35.13 -2.64
N PRO A 362 -5.32 36.43 -2.37
CA PRO A 362 -6.68 36.95 -2.21
C PRO A 362 -7.57 36.71 -3.41
N ASP A 363 -7.00 36.67 -4.61
CA ASP A 363 -7.77 36.26 -5.78
C ASP A 363 -7.79 34.74 -5.92
N PHE A 364 -6.63 34.10 -5.76
CA PHE A 364 -6.52 32.67 -6.01
C PHE A 364 -7.44 31.87 -5.09
N VAL A 365 -7.55 32.31 -3.83
CA VAL A 365 -8.41 31.60 -2.89
C VAL A 365 -9.83 31.53 -3.43
N ARG A 366 -10.31 32.61 -4.06
CA ARG A 366 -11.63 32.57 -4.69
C ARG A 366 -11.69 31.45 -5.71
N ASN A 367 -10.71 31.42 -6.63
CA ASN A 367 -10.63 30.33 -7.58
C ASN A 367 -10.56 29.00 -6.87
N PHE A 368 -9.88 28.95 -5.72
CA PHE A 368 -9.83 27.73 -4.93
C PHE A 368 -11.23 27.24 -4.61
N MET A 369 -12.07 28.11 -4.06
CA MET A 369 -13.46 27.70 -3.85
C MET A 369 -14.16 27.49 -5.18
N ARG A 370 -13.83 28.31 -6.18
CA ARG A 370 -14.35 28.08 -7.52
C ARG A 370 -13.93 26.73 -8.07
N THR A 371 -12.82 26.18 -7.55
CA THR A 371 -12.44 24.82 -7.92
C THR A 371 -13.46 23.81 -7.43
N MET A 372 -13.96 23.98 -6.20
CA MET A 372 -14.95 23.06 -5.63
C MET A 372 -16.37 23.54 -5.82
N TYR A 373 -16.69 24.74 -5.32
CA TYR A 373 -18.07 25.21 -5.31
C TYR A 373 -18.43 25.95 -6.60
N GLY A 374 -17.55 26.83 -7.07
CA GLY A 374 -17.79 27.62 -8.25
C GLY A 374 -18.30 29.02 -7.95
N ASP A 375 -18.78 29.26 -6.73
CA ASP A 375 -19.31 30.56 -6.35
C ASP A 375 -19.23 30.71 -4.84
N HIS A 376 -19.38 31.95 -4.39
CA HIS A 376 -19.31 32.24 -2.95
C HIS A 376 -20.54 31.75 -2.20
N SER A 377 -21.64 31.50 -2.91
CA SER A 377 -22.87 31.08 -2.24
C SER A 377 -22.71 29.72 -1.55
N LEU A 378 -22.04 28.78 -2.21
CA LEU A 378 -21.89 27.43 -1.69
C LEU A 378 -20.72 27.30 -0.73
N CYS A 379 -19.94 28.35 -0.52
CA CYS A 379 -18.81 28.27 0.39
C CYS A 379 -19.28 28.09 1.83
N PRO A 380 -18.49 27.43 2.67
CA PRO A 380 -18.87 27.28 4.08
C PRO A 380 -18.99 28.64 4.77
N ALA A 381 -19.95 28.73 5.69
CA ALA A 381 -20.19 29.98 6.39
C ALA A 381 -18.98 30.38 7.24
N TRP A 382 -18.38 29.41 7.92
CA TRP A 382 -17.21 29.72 8.75
C TRP A 382 -16.04 30.20 7.89
N ALA A 383 -15.84 29.58 6.72
CA ALA A 383 -14.77 30.02 5.84
C ALA A 383 -15.01 31.43 5.32
N VAL A 384 -16.26 31.74 4.96
CA VAL A 384 -16.59 33.08 4.50
C VAL A 384 -16.36 34.10 5.61
N GLU A 385 -16.77 33.77 6.84
CA GLU A 385 -16.55 34.68 7.96
C GLU A 385 -15.07 34.91 8.21
N ALA A 386 -14.27 33.83 8.17
CA ALA A 386 -12.84 33.97 8.38
C ALA A 386 -12.19 34.82 7.30
N LEU A 387 -12.58 34.60 6.04
CA LEU A 387 -12.03 35.40 4.94
C LEU A 387 -12.41 36.86 5.08
N ALA A 388 -13.67 37.14 5.44
CA ALA A 388 -14.10 38.52 5.62
C ALA A 388 -13.35 39.19 6.76
N SER A 389 -13.14 38.47 7.86
CA SER A 389 -12.42 39.04 9.00
C SER A 389 -10.95 39.29 8.64
N VAL A 390 -10.32 38.37 7.92
CA VAL A 390 -8.89 38.51 7.66
C VAL A 390 -8.63 39.59 6.61
N GLY A 391 -9.62 39.86 5.75
CA GLY A 391 -9.48 40.95 4.80
C GLY A 391 -9.63 40.55 3.34
N ILE A 392 -10.20 39.37 3.09
CA ILE A 392 -10.42 38.88 1.74
C ILE A 392 -11.92 38.69 1.53
N MET A 393 -12.48 39.38 0.55
CA MET A 393 -13.90 39.32 0.26
C MET A 393 -14.11 38.56 -1.05
N LEU A 394 -15.03 37.60 -1.03
CA LEU A 394 -15.31 36.79 -2.20
C LEU A 394 -16.24 37.53 -3.17
N PRO B 32 12.53 -24.78 -21.28
CA PRO B 32 11.45 -24.50 -20.32
C PRO B 32 11.21 -23.01 -20.14
N GLY B 33 10.44 -22.66 -19.12
CA GLY B 33 10.14 -21.26 -18.86
C GLY B 33 9.26 -21.13 -17.64
N CYS B 34 8.96 -19.86 -17.31
CA CYS B 34 8.12 -19.54 -16.16
C CYS B 34 7.09 -18.49 -16.56
N LEU B 35 5.97 -18.51 -15.86
CA LEU B 35 4.89 -17.54 -16.06
C LEU B 35 4.76 -16.69 -14.80
N LEU B 36 4.82 -15.38 -14.95
CA LEU B 36 4.68 -14.49 -13.81
C LEU B 36 3.25 -14.56 -13.29
N TYR B 37 3.10 -14.90 -12.01
CA TYR B 37 1.79 -15.00 -11.39
C TYR B 37 1.22 -13.60 -11.21
N THR B 38 0.08 -13.33 -11.85
CA THR B 38 -0.56 -12.03 -11.81
C THR B 38 -1.89 -12.13 -11.09
N ARG B 39 -2.10 -11.23 -10.14
CA ARG B 39 -3.39 -11.05 -9.48
C ARG B 39 -4.01 -9.77 -10.04
N THR B 40 -4.89 -9.94 -11.02
CA THR B 40 -5.61 -8.83 -11.65
C THR B 40 -4.63 -7.81 -12.24
N GLY B 41 -3.89 -8.30 -13.24
CA GLY B 41 -2.94 -7.47 -13.95
C GLY B 41 -1.56 -7.45 -13.30
N SER B 42 -1.49 -6.93 -12.08
CA SER B 42 -0.24 -6.84 -11.34
C SER B 42 -0.10 -8.02 -10.39
N ALA B 43 1.09 -8.15 -9.81
CA ALA B 43 1.32 -9.18 -8.82
C ALA B 43 0.53 -8.88 -7.56
N PRO B 44 0.13 -9.90 -6.80
CA PRO B 44 -0.59 -9.65 -5.54
C PRO B 44 0.27 -8.85 -4.57
N HIS B 45 -0.37 -7.93 -3.87
CA HIS B 45 0.29 -7.01 -2.94
C HIS B 45 1.36 -6.15 -3.62
N LEU B 46 1.26 -6.00 -4.94
CA LEU B 46 2.24 -5.24 -5.72
C LEU B 46 1.52 -4.22 -6.59
N THR B 47 1.98 -2.98 -6.56
CA THR B 47 1.44 -1.93 -7.40
C THR B 47 2.24 -1.85 -8.70
N HIS B 48 1.90 -0.88 -9.55
CA HIS B 48 2.59 -0.74 -10.83
C HIS B 48 4.06 -0.40 -10.61
N GLN B 49 4.35 0.63 -9.83
CA GLN B 49 5.73 1.02 -9.57
C GLN B 49 6.49 -0.06 -8.81
N THR B 50 5.85 -0.66 -7.80
CA THR B 50 6.51 -1.70 -7.02
C THR B 50 6.77 -2.94 -7.86
N LEU B 51 5.82 -3.32 -8.71
CA LEU B 51 6.05 -4.45 -9.61
C LEU B 51 7.17 -4.14 -10.61
N ARG B 52 7.20 -2.91 -11.12
CA ARG B 52 8.29 -2.52 -12.01
C ARG B 52 9.63 -2.55 -11.30
N ASN B 53 9.63 -2.32 -9.98
CA ASN B 53 10.87 -2.40 -9.21
C ASN B 53 11.37 -3.83 -9.08
N ILE B 54 10.51 -4.82 -9.29
CA ILE B 54 10.93 -6.22 -9.19
C ILE B 54 11.81 -6.57 -10.38
N HIS B 55 12.97 -7.16 -10.10
CA HIS B 55 13.91 -7.55 -11.15
C HIS B 55 13.60 -8.97 -11.63
N GLY B 56 14.10 -9.28 -12.82
CA GLY B 56 13.87 -10.59 -13.39
C GLY B 56 12.47 -10.85 -13.87
N VAL B 57 11.72 -9.80 -14.18
CA VAL B 57 10.34 -9.94 -14.64
C VAL B 57 10.33 -10.47 -16.07
N PRO B 58 9.66 -11.59 -16.33
CA PRO B 58 9.60 -12.11 -17.70
C PRO B 58 8.69 -11.27 -18.57
N GLY B 59 8.82 -11.49 -19.88
CA GLY B 59 8.03 -10.75 -20.85
C GLY B 59 6.61 -11.24 -21.03
N ILE B 60 6.22 -12.31 -20.34
CA ILE B 60 4.88 -12.87 -20.44
C ILE B 60 4.23 -12.82 -19.07
N ALA B 61 3.00 -12.30 -19.02
CA ALA B 61 2.22 -12.21 -17.80
C ALA B 61 1.06 -13.19 -17.88
N GLN B 62 0.90 -14.01 -16.85
CA GLN B 62 -0.13 -15.04 -16.82
C GLN B 62 -1.36 -14.48 -16.12
N LEU B 63 -2.39 -14.16 -16.90
CA LEU B 63 -3.67 -13.73 -16.35
C LEU B 63 -4.58 -14.94 -16.18
N THR B 64 -5.07 -15.14 -14.98
CA THR B 64 -5.96 -16.25 -14.68
C THR B 64 -7.36 -15.91 -15.19
N LEU B 65 -7.89 -16.74 -16.10
CA LEU B 65 -9.26 -16.58 -16.55
C LEU B 65 -10.25 -16.68 -15.40
N SER B 66 -9.85 -17.35 -14.30
CA SER B 66 -10.68 -17.45 -13.12
C SER B 66 -10.97 -16.10 -12.47
N SER B 67 -10.21 -15.05 -12.82
CA SER B 67 -10.36 -13.74 -12.19
C SER B 67 -10.63 -12.64 -13.23
N LEU B 68 -11.24 -12.97 -14.35
CA LEU B 68 -11.44 -12.01 -15.44
C LEU B 68 -12.87 -12.09 -15.98
N ALA B 69 -13.85 -12.09 -15.09
CA ALA B 69 -15.24 -12.04 -15.52
C ALA B 69 -15.74 -10.59 -15.58
N GLU B 70 -15.74 -9.89 -14.43
CA GLU B 70 -16.07 -8.47 -14.44
C GLU B 70 -15.20 -7.72 -15.43
N HIS B 71 -13.94 -8.14 -15.56
CA HIS B 71 -13.09 -7.62 -16.62
C HIS B 71 -13.66 -7.97 -17.99
N HIS B 72 -14.33 -9.12 -18.13
CA HIS B 72 -14.94 -9.45 -19.42
C HIS B 72 -16.06 -8.47 -19.77
N GLU B 73 -16.97 -8.21 -18.82
CA GLU B 73 -18.02 -7.22 -19.13
C GLU B 73 -17.43 -5.84 -19.35
N VAL B 74 -16.37 -5.48 -18.62
CA VAL B 74 -15.76 -4.16 -18.80
C VAL B 74 -15.12 -4.06 -20.19
N LEU B 75 -14.40 -5.09 -20.62
CA LEU B 75 -13.65 -5.06 -21.86
C LEU B 75 -14.50 -5.43 -23.08
N ALA B 76 -15.75 -5.83 -22.88
CA ALA B 76 -16.63 -6.12 -24.01
C ALA B 76 -16.77 -4.92 -24.93
N GLU B 77 -16.60 -3.70 -24.40
CA GLU B 77 -16.69 -2.48 -25.21
C GLU B 77 -15.47 -1.58 -25.04
N TYR B 78 -14.41 -2.08 -24.42
CA TYR B 78 -13.17 -1.30 -24.28
C TYR B 78 -12.41 -1.27 -25.61
N LYS B 79 -12.45 -2.38 -26.35
CA LYS B 79 -12.13 -2.43 -27.78
C LYS B 79 -10.67 -2.16 -28.11
N LYS B 80 -9.77 -2.21 -27.13
CA LYS B 80 -8.35 -2.10 -27.47
C LYS B 80 -7.47 -3.02 -26.65
N GLY B 81 -8.03 -4.11 -26.12
CA GLY B 81 -7.25 -5.11 -25.43
C GLY B 81 -7.13 -4.84 -23.93
N VAL B 82 -6.65 -5.86 -23.22
CA VAL B 82 -6.47 -5.74 -21.78
C VAL B 82 -5.09 -5.17 -21.43
N GLY B 83 -4.13 -5.22 -22.36
CA GLY B 83 -2.82 -4.64 -22.09
C GLY B 83 -2.90 -3.15 -21.81
N SER B 84 -3.69 -2.44 -22.61
CA SER B 84 -3.91 -1.01 -22.34
C SER B 84 -4.81 -0.82 -21.14
N PHE B 85 -5.69 -1.78 -20.86
CA PHE B 85 -6.57 -1.68 -19.69
C PHE B 85 -5.77 -1.71 -18.40
N ILE B 86 -4.76 -2.58 -18.31
CA ILE B 86 -3.94 -2.67 -17.12
C ILE B 86 -2.78 -1.69 -17.13
N GLY B 87 -2.48 -1.08 -18.28
CA GLY B 87 -1.37 -0.17 -18.41
C GLY B 87 -0.09 -0.77 -18.93
N MET B 88 0.02 -2.09 -18.95
CA MET B 88 1.17 -2.79 -19.52
C MET B 88 0.75 -3.45 -20.83
N PRO B 89 0.82 -2.72 -21.95
CA PRO B 89 0.43 -3.32 -23.23
C PRO B 89 1.57 -4.06 -23.93
N GLU B 90 2.82 -3.86 -23.51
CA GLU B 90 3.96 -4.42 -24.22
C GLU B 90 4.22 -5.88 -23.86
N SER B 91 3.60 -6.40 -22.81
CA SER B 91 3.86 -7.76 -22.36
C SER B 91 2.90 -8.74 -23.02
N LEU B 92 3.35 -9.98 -23.17
CA LEU B 92 2.50 -11.04 -23.68
C LEU B 92 1.57 -11.55 -22.59
N PHE B 93 0.37 -11.97 -22.98
CA PHE B 93 -0.66 -12.38 -22.04
C PHE B 93 -1.05 -13.83 -22.28
N TYR B 94 -1.12 -14.60 -21.21
CA TYR B 94 -1.64 -15.97 -21.23
C TYR B 94 -2.89 -16.03 -20.37
N CYS B 95 -3.98 -16.54 -20.93
CA CYS B 95 -5.27 -16.63 -20.25
C CYS B 95 -5.41 -18.04 -19.67
N SER B 96 -4.90 -18.22 -18.45
CA SER B 96 -4.95 -19.51 -17.79
C SER B 96 -6.29 -19.70 -17.08
N LEU B 97 -6.82 -20.93 -17.15
CA LEU B 97 -8.10 -21.21 -16.53
C LEU B 97 -7.97 -21.38 -15.02
N HIS B 98 -7.18 -22.34 -14.58
CA HIS B 98 -7.06 -22.64 -13.17
C HIS B 98 -6.09 -21.67 -12.50
N ASP B 99 -6.54 -21.04 -11.42
CA ASP B 99 -5.64 -20.27 -10.58
C ASP B 99 -4.72 -21.25 -9.87
N PRO B 100 -3.39 -21.13 -10.00
CA PRO B 100 -2.49 -22.14 -9.42
C PRO B 100 -2.63 -22.29 -7.91
N VAL B 101 -3.10 -21.26 -7.22
CA VAL B 101 -3.32 -21.37 -5.77
C VAL B 101 -4.38 -22.43 -5.48
N THR B 102 -5.46 -22.42 -6.25
CA THR B 102 -6.58 -23.35 -6.07
C THR B 102 -6.83 -24.04 -7.41
N PRO B 103 -5.98 -25.00 -7.78
CA PRO B 103 -5.95 -25.47 -9.15
C PRO B 103 -6.83 -26.67 -9.50
N GLY B 104 -7.33 -27.42 -8.52
CA GLY B 104 -8.11 -28.59 -8.86
C GLY B 104 -8.69 -29.36 -7.68
N PRO B 105 -9.95 -29.77 -7.81
CA PRO B 105 -10.57 -30.66 -6.82
C PRO B 105 -10.35 -32.13 -7.16
N ALA B 106 -11.00 -33.02 -6.41
CA ALA B 106 -11.17 -34.39 -6.88
C ALA B 106 -11.77 -34.40 -8.28
N GLY B 107 -12.81 -33.59 -8.50
CA GLY B 107 -13.23 -33.28 -9.86
C GLY B 107 -14.37 -32.28 -9.96
N TYR B 108 -14.16 -31.24 -10.77
CA TYR B 108 -15.19 -30.28 -11.16
C TYR B 108 -15.20 -30.00 -12.66
N VAL B 109 -14.11 -30.25 -13.37
CA VAL B 109 -13.97 -29.80 -14.75
C VAL B 109 -14.63 -30.78 -15.70
N THR B 110 -15.47 -30.26 -16.59
CA THR B 110 -16.06 -31.02 -17.68
C THR B 110 -15.62 -30.44 -19.01
N SER B 111 -16.09 -31.05 -20.10
CA SER B 111 -15.80 -30.58 -21.44
C SER B 111 -16.97 -29.81 -22.04
N LYS B 112 -17.70 -29.05 -21.22
CA LYS B 112 -18.61 -28.02 -21.68
C LYS B 112 -18.46 -26.72 -20.91
N SER B 113 -17.93 -26.76 -19.69
CA SER B 113 -17.56 -25.59 -18.93
C SER B 113 -16.46 -26.01 -17.97
N VAL B 114 -15.76 -25.03 -17.40
CA VAL B 114 -14.72 -25.32 -16.42
C VAL B 114 -14.95 -24.42 -15.21
N SER B 115 -15.15 -25.02 -14.05
CA SER B 115 -15.31 -24.27 -12.81
C SER B 115 -13.95 -23.74 -12.40
N VAL B 116 -13.54 -22.63 -12.98
CA VAL B 116 -12.26 -22.01 -12.68
C VAL B 116 -12.31 -21.41 -11.28
N TRP B 117 -11.47 -21.92 -10.39
CA TRP B 117 -11.41 -21.42 -9.02
C TRP B 117 -10.68 -20.09 -9.01
N GLY B 118 -11.40 -19.05 -8.59
CA GLY B 118 -10.85 -17.71 -8.67
C GLY B 118 -11.88 -16.62 -8.39
N PHE B 119 -11.98 -15.66 -9.30
CA PHE B 119 -12.79 -14.47 -9.11
C PHE B 119 -13.71 -14.21 -10.30
N GLY B 120 -14.06 -15.25 -11.03
CA GLY B 120 -14.96 -15.12 -12.16
C GLY B 120 -15.03 -16.41 -12.94
N GLY B 121 -16.07 -16.51 -13.77
CA GLY B 121 -16.19 -17.62 -14.70
C GLY B 121 -16.70 -18.92 -14.12
N ARG B 122 -17.55 -18.88 -13.10
CA ARG B 122 -18.14 -20.09 -12.52
C ARG B 122 -19.49 -20.44 -13.11
N VAL B 123 -20.33 -19.44 -13.41
CA VAL B 123 -21.72 -19.70 -13.75
C VAL B 123 -21.84 -20.11 -15.21
N GLU B 124 -21.71 -21.41 -15.47
CA GLU B 124 -21.92 -22.00 -16.79
C GLU B 124 -21.10 -21.27 -17.87
N MET B 125 -19.78 -21.29 -17.67
CA MET B 125 -18.85 -20.71 -18.64
C MET B 125 -18.72 -21.67 -19.83
N THR B 126 -19.72 -21.59 -20.71
CA THR B 126 -19.81 -22.50 -21.84
C THR B 126 -18.78 -22.12 -22.90
N VAL B 127 -18.82 -22.81 -24.04
CA VAL B 127 -17.92 -22.51 -25.14
C VAL B 127 -18.15 -21.10 -25.66
N SER B 128 -19.43 -20.72 -25.82
CA SER B 128 -19.75 -19.37 -26.25
C SER B 128 -19.29 -18.34 -25.22
N LYS B 129 -19.44 -18.66 -23.93
CA LYS B 129 -18.95 -17.77 -22.88
C LYS B 129 -17.45 -17.61 -22.96
N PHE B 130 -16.73 -18.71 -23.21
CA PHE B 130 -15.29 -18.63 -23.38
C PHE B 130 -14.92 -17.77 -24.59
N MET B 131 -15.64 -17.95 -25.70
CA MET B 131 -15.37 -17.15 -26.88
C MET B 131 -15.58 -15.67 -26.61
N ALA B 132 -16.67 -15.32 -25.93
CA ALA B 132 -16.94 -13.92 -25.61
C ALA B 132 -15.87 -13.36 -24.66
N ILE B 133 -15.48 -14.15 -23.66
CA ILE B 133 -14.48 -13.69 -22.70
C ILE B 133 -13.14 -13.45 -23.37
N GLN B 134 -12.73 -14.36 -24.25
CA GLN B 134 -11.46 -14.20 -24.95
C GLN B 134 -11.53 -13.15 -26.05
N GLU B 135 -12.72 -12.83 -26.55
CA GLU B 135 -12.86 -11.73 -27.49
C GLU B 135 -12.79 -10.39 -26.77
N ALA B 136 -13.34 -10.31 -25.57
CA ALA B 136 -13.22 -9.09 -24.78
C ALA B 136 -11.79 -8.88 -24.29
N LEU B 137 -11.15 -9.95 -23.81
CA LEU B 137 -9.80 -9.84 -23.27
C LEU B 137 -8.75 -9.74 -24.37
N GLN B 138 -8.96 -10.45 -25.48
CA GLN B 138 -7.99 -10.55 -26.56
C GLN B 138 -6.62 -11.01 -26.06
N PRO B 139 -6.52 -12.20 -25.47
CA PRO B 139 -5.22 -12.68 -25.02
C PRO B 139 -4.36 -13.15 -26.18
N ASP B 140 -3.04 -13.11 -25.97
CA ASP B 140 -2.12 -13.62 -26.97
C ASP B 140 -2.31 -15.12 -27.16
N TRP B 141 -2.27 -15.88 -26.06
CA TRP B 141 -2.55 -17.31 -26.06
C TRP B 141 -3.68 -17.58 -25.07
N PHE B 142 -4.75 -18.21 -25.55
CA PHE B 142 -5.87 -18.57 -24.70
C PHE B 142 -5.94 -20.07 -24.55
N GLN B 143 -6.15 -20.51 -23.30
CA GLN B 143 -6.06 -21.92 -22.94
C GLN B 143 -7.39 -22.62 -23.19
N CYS B 144 -7.33 -23.75 -23.88
CA CYS B 144 -8.53 -24.56 -24.09
C CYS B 144 -8.99 -25.17 -22.78
N LEU B 145 -10.28 -25.47 -22.70
CA LEU B 145 -10.85 -26.02 -21.48
C LEU B 145 -10.32 -27.43 -21.24
N SER B 146 -10.04 -27.74 -19.97
CA SER B 146 -9.42 -29.01 -19.61
C SER B 146 -10.48 -30.09 -19.46
N ASP B 147 -10.07 -31.25 -18.96
CA ASP B 147 -10.93 -32.42 -18.79
C ASP B 147 -10.20 -33.40 -17.88
N GLY B 148 -10.69 -34.64 -17.81
CA GLY B 148 -9.96 -35.74 -17.22
C GLY B 148 -9.53 -35.56 -15.78
N GLU B 149 -10.50 -35.55 -14.86
CA GLU B 149 -10.21 -35.41 -13.44
C GLU B 149 -9.81 -36.72 -12.77
N ALA B 150 -9.40 -37.72 -13.56
CA ALA B 150 -9.04 -39.01 -12.98
C ALA B 150 -7.68 -38.95 -12.28
N SER B 151 -6.73 -38.20 -12.84
CA SER B 151 -5.36 -38.20 -12.33
C SER B 151 -5.25 -37.53 -10.97
N CYS B 152 -6.24 -36.74 -10.57
CA CYS B 152 -6.20 -36.08 -9.26
C CYS B 152 -6.29 -37.10 -8.14
N SER B 157 -11.35 -46.67 -16.02
CA SER B 157 -9.95 -46.95 -16.35
C SER B 157 -9.75 -47.02 -17.85
N ILE B 158 -10.68 -47.65 -18.55
CA ILE B 158 -10.64 -47.79 -20.00
C ILE B 158 -11.85 -47.15 -20.67
N LYS B 159 -13.06 -47.58 -20.29
CA LYS B 159 -14.27 -47.05 -20.91
C LYS B 159 -14.41 -45.56 -20.66
N ARG B 160 -14.34 -45.16 -19.39
CA ARG B 160 -14.42 -43.73 -19.07
C ARG B 160 -13.23 -42.98 -19.62
N ALA B 161 -12.05 -43.61 -19.64
CA ALA B 161 -10.87 -42.98 -20.22
C ALA B 161 -11.08 -42.70 -21.71
N ARG B 162 -11.59 -43.68 -22.45
CA ARG B 162 -11.84 -43.48 -23.88
C ARG B 162 -12.91 -42.43 -24.11
N LYS B 163 -13.96 -42.42 -23.28
CA LYS B 163 -14.99 -41.39 -23.40
C LYS B 163 -14.39 -40.00 -23.16
N SER B 164 -13.53 -39.87 -22.16
CA SER B 164 -12.88 -38.59 -21.90
C SER B 164 -11.99 -38.17 -23.06
N VAL B 165 -11.26 -39.13 -23.64
CA VAL B 165 -10.39 -38.81 -24.78
C VAL B 165 -11.22 -38.28 -25.94
N ASP B 166 -12.28 -39.00 -26.29
CA ASP B 166 -13.11 -38.59 -27.43
C ASP B 166 -13.78 -37.24 -27.16
N ARG B 167 -14.27 -37.03 -25.94
CA ARG B 167 -14.94 -35.78 -25.61
C ARG B 167 -13.97 -34.60 -25.64
N SER B 168 -12.75 -34.79 -25.12
CA SER B 168 -11.76 -33.72 -25.18
C SER B 168 -11.37 -33.40 -26.61
N LEU B 169 -11.24 -34.43 -27.45
CA LEU B 169 -10.94 -34.18 -28.86
C LEU B 169 -12.08 -33.41 -29.53
N LEU B 170 -13.33 -33.76 -29.20
CA LEU B 170 -14.47 -33.04 -29.76
C LEU B 170 -14.46 -31.58 -29.31
N PHE B 171 -14.13 -31.33 -28.04
CA PHE B 171 -14.05 -29.96 -27.55
C PHE B 171 -12.96 -29.18 -28.25
N LEU B 172 -11.80 -29.79 -28.45
CA LEU B 172 -10.72 -29.11 -29.15
C LEU B 172 -11.10 -28.80 -30.58
N ASP B 173 -11.79 -29.74 -31.24
CA ASP B 173 -12.26 -29.49 -32.61
C ASP B 173 -13.26 -28.34 -32.64
N SER B 174 -14.18 -28.30 -31.67
CA SER B 174 -15.16 -27.22 -31.62
C SER B 174 -14.49 -25.87 -31.41
N CYS B 175 -13.51 -25.82 -30.50
CA CYS B 175 -12.80 -24.56 -30.27
C CYS B 175 -12.01 -24.14 -31.51
N LEU B 176 -11.37 -25.09 -32.19
CA LEU B 176 -10.65 -24.76 -33.41
C LEU B 176 -11.60 -24.22 -34.48
N ARG B 177 -12.78 -24.82 -34.61
CA ARG B 177 -13.75 -24.35 -35.59
C ARG B 177 -14.25 -22.95 -35.25
N LEU B 178 -14.53 -22.69 -33.97
CA LEU B 178 -15.07 -21.40 -33.56
C LEU B 178 -14.01 -20.30 -33.50
N GLN B 179 -12.73 -20.66 -33.44
CA GLN B 179 -11.68 -19.65 -33.35
C GLN B 179 -11.53 -18.89 -34.66
N GLU B 180 -11.77 -19.54 -35.79
CA GLU B 180 -11.58 -18.92 -37.10
C GLU B 180 -12.77 -18.09 -37.56
N GLU B 181 -13.85 -18.05 -36.78
CA GLU B 181 -15.03 -17.30 -37.19
C GLU B 181 -14.88 -15.79 -37.05
N SER B 182 -13.90 -15.33 -36.28
CA SER B 182 -13.67 -13.90 -36.07
C SER B 182 -12.27 -13.54 -36.53
N GLU B 183 -12.18 -12.50 -37.37
CA GLU B 183 -10.89 -12.08 -37.89
C GLU B 183 -9.98 -11.57 -36.79
N VAL B 184 -10.51 -10.76 -35.87
CA VAL B 184 -9.69 -10.22 -34.79
C VAL B 184 -9.26 -11.33 -33.84
N LEU B 185 -10.12 -12.32 -33.60
CA LEU B 185 -9.78 -13.43 -32.73
C LEU B 185 -8.74 -14.35 -33.35
N GLN B 186 -8.58 -14.32 -34.68
CA GLN B 186 -7.63 -15.20 -35.36
C GLN B 186 -6.19 -14.91 -34.96
N LYS B 187 -5.92 -13.74 -34.36
CA LYS B 187 -4.57 -13.44 -33.91
C LYS B 187 -4.20 -14.21 -32.65
N SER B 188 -5.17 -14.80 -31.97
CA SER B 188 -4.91 -15.56 -30.75
C SER B 188 -4.51 -16.99 -31.08
N VAL B 189 -3.99 -17.69 -30.07
CA VAL B 189 -3.44 -19.03 -30.23
C VAL B 189 -4.12 -19.97 -29.25
N ILE B 190 -4.52 -21.15 -29.75
CA ILE B 190 -5.10 -22.20 -28.93
C ILE B 190 -3.99 -23.01 -28.27
N ILE B 191 -4.27 -23.53 -27.08
CA ILE B 191 -3.36 -24.41 -26.35
C ILE B 191 -4.07 -25.72 -26.11
N GLY B 192 -3.46 -26.82 -26.54
CA GLY B 192 -4.09 -28.12 -26.43
C GLY B 192 -4.06 -28.70 -25.03
N VAL B 193 -4.83 -29.78 -24.84
CA VAL B 193 -4.94 -30.47 -23.57
C VAL B 193 -4.80 -31.97 -23.80
N ILE B 194 -4.32 -32.66 -22.77
CA ILE B 194 -4.13 -34.11 -22.81
C ILE B 194 -4.77 -34.71 -21.56
N GLU B 195 -5.79 -35.55 -21.76
CA GLU B 195 -6.47 -36.22 -20.66
C GLU B 195 -6.98 -37.57 -21.13
N GLY B 196 -6.58 -38.64 -20.44
CA GLY B 196 -6.91 -39.98 -20.88
C GLY B 196 -7.30 -40.96 -19.77
N GLY B 197 -7.94 -40.47 -18.72
CA GLY B 197 -8.39 -41.34 -17.65
C GLY B 197 -7.24 -41.86 -16.80
N ASP B 198 -7.41 -43.10 -16.33
CA ASP B 198 -6.43 -43.71 -15.42
C ASP B 198 -5.35 -44.47 -16.17
N VAL B 199 -5.76 -45.38 -17.07
CA VAL B 199 -4.80 -46.25 -17.75
C VAL B 199 -3.88 -45.41 -18.62
N MET B 200 -2.57 -45.65 -18.50
CA MET B 200 -1.61 -44.84 -19.25
C MET B 200 -1.72 -45.07 -20.75
N GLU B 201 -2.22 -46.23 -21.18
CA GLU B 201 -2.41 -46.46 -22.61
C GLU B 201 -3.44 -45.50 -23.19
N GLU B 202 -4.52 -45.26 -22.44
CA GLU B 202 -5.54 -44.32 -22.91
C GLU B 202 -5.03 -42.88 -22.88
N ARG B 203 -4.17 -42.55 -21.91
CA ARG B 203 -3.54 -41.23 -21.92
C ARG B 203 -2.61 -41.08 -23.12
N LEU B 204 -1.89 -42.15 -23.46
CA LEU B 204 -1.07 -42.14 -24.67
C LEU B 204 -1.92 -41.91 -25.91
N ARG B 205 -3.07 -42.60 -26.00
CA ARG B 205 -3.93 -42.41 -27.16
C ARG B 205 -4.52 -41.01 -27.20
N SER B 206 -4.83 -40.43 -26.03
CA SER B 206 -5.30 -39.06 -25.99
C SER B 206 -4.23 -38.09 -26.51
N ALA B 207 -2.99 -38.27 -26.05
CA ALA B 207 -1.91 -37.41 -26.53
C ALA B 207 -1.69 -37.58 -28.03
N ARG B 208 -1.73 -38.84 -28.51
CA ARG B 208 -1.52 -39.09 -29.93
C ARG B 208 -2.59 -38.43 -30.78
N GLU B 209 -3.86 -38.57 -30.39
CA GLU B 209 -4.94 -38.03 -31.20
C GLU B 209 -5.09 -36.52 -31.05
N THR B 210 -4.70 -35.94 -29.91
CA THR B 210 -4.73 -34.50 -29.76
C THR B 210 -3.57 -33.82 -30.47
N ALA B 211 -2.41 -34.46 -30.53
CA ALA B 211 -1.26 -33.88 -31.21
C ALA B 211 -1.50 -33.73 -32.71
N LYS B 212 -2.51 -34.40 -33.25
CA LYS B 212 -2.82 -34.23 -34.68
C LYS B 212 -3.29 -32.82 -34.97
N ARG B 213 -4.08 -32.23 -34.08
CA ARG B 213 -4.56 -30.87 -34.28
C ARG B 213 -3.39 -29.88 -34.20
N PRO B 214 -3.43 -28.81 -35.01
CA PRO B 214 -2.37 -27.80 -35.01
C PRO B 214 -2.48 -26.78 -33.87
N VAL B 215 -2.48 -27.29 -32.64
CA VAL B 215 -2.56 -26.43 -31.47
C VAL B 215 -1.20 -25.82 -31.18
N GLY B 216 -1.19 -24.66 -30.55
CA GLY B 216 0.02 -23.96 -30.20
C GLY B 216 0.65 -24.33 -28.88
N GLY B 217 0.07 -25.29 -28.15
CA GLY B 217 0.62 -25.69 -26.87
C GLY B 217 -0.07 -26.94 -26.37
N PHE B 218 0.40 -27.42 -25.23
CA PHE B 218 -0.14 -28.64 -24.62
C PHE B 218 -0.29 -28.43 -23.12
N LEU B 219 -1.30 -29.08 -22.54
CA LEU B 219 -1.61 -28.95 -21.13
C LEU B 219 -1.69 -30.32 -20.48
N LEU B 220 -1.24 -30.40 -19.22
CA LEU B 220 -1.39 -31.59 -18.39
C LEU B 220 -2.34 -31.27 -17.24
N ASP B 221 -3.37 -32.09 -17.08
CA ASP B 221 -4.35 -31.92 -16.01
C ASP B 221 -4.38 -33.15 -15.13
N GLY B 222 -4.76 -32.95 -13.87
CA GLY B 222 -4.81 -34.01 -12.89
C GLY B 222 -3.52 -34.25 -12.13
N PHE B 223 -2.43 -33.58 -12.50
CA PHE B 223 -1.15 -33.72 -11.83
C PHE B 223 -0.91 -32.62 -10.82
N GLN B 224 -1.97 -32.04 -10.25
CA GLN B 224 -1.83 -30.95 -9.30
C GLN B 224 -1.06 -31.42 -8.07
N GLY B 225 -0.09 -30.61 -7.64
CA GLY B 225 0.71 -30.94 -6.48
C GLY B 225 0.60 -29.92 -5.37
N VAL B 229 2.59 -34.25 -6.22
CA VAL B 229 2.75 -35.32 -7.20
C VAL B 229 3.44 -36.51 -6.54
N THR B 230 3.10 -37.72 -7.00
CA THR B 230 3.67 -38.93 -6.44
C THR B 230 4.35 -39.76 -7.52
N GLU B 231 4.82 -40.96 -7.16
CA GLU B 231 5.53 -41.80 -8.12
C GLU B 231 4.61 -42.25 -9.25
N THR B 232 3.38 -42.63 -8.92
CA THR B 232 2.44 -43.08 -9.95
C THR B 232 2.11 -41.96 -10.93
N ARG B 233 1.80 -40.77 -10.41
CA ARG B 233 1.53 -39.63 -11.28
C ARG B 233 2.78 -39.21 -12.04
N LEU B 234 3.95 -39.38 -11.43
CA LEU B 234 5.20 -39.09 -12.14
C LEU B 234 5.37 -40.03 -13.34
N HIS B 235 5.07 -41.32 -13.14
CA HIS B 235 5.16 -42.28 -14.24
C HIS B 235 4.14 -41.97 -15.33
N LEU B 236 2.93 -41.60 -14.94
CA LEU B 236 1.91 -41.22 -15.93
C LEU B 236 2.35 -40.00 -16.71
N LEU B 237 2.92 -39.00 -16.04
CA LEU B 237 3.40 -37.81 -16.73
C LEU B 237 4.52 -38.15 -17.69
N SER B 238 5.46 -39.00 -17.28
CA SER B 238 6.54 -39.39 -18.18
C SER B 238 6.01 -40.11 -19.41
N SER B 239 5.06 -41.04 -19.21
CA SER B 239 4.48 -41.74 -20.35
C SER B 239 3.76 -40.79 -21.28
N VAL B 240 3.00 -39.84 -20.73
CA VAL B 240 2.26 -38.90 -21.57
C VAL B 240 3.23 -38.02 -22.37
N THR B 241 4.27 -37.51 -21.71
CA THR B 241 5.21 -36.62 -22.37
C THR B 241 6.17 -37.35 -23.31
N ALA B 242 6.27 -38.67 -23.21
CA ALA B 242 7.14 -39.43 -24.11
C ALA B 242 6.66 -39.42 -25.54
N GLU B 243 5.43 -38.99 -25.82
CA GLU B 243 4.89 -39.01 -27.18
C GLU B 243 4.67 -37.64 -27.77
N LEU B 244 4.40 -36.63 -26.95
CA LEU B 244 4.02 -35.32 -27.48
C LEU B 244 5.16 -34.73 -28.31
N PRO B 245 4.85 -34.09 -29.43
CA PRO B 245 5.91 -33.49 -30.24
C PRO B 245 6.59 -32.32 -29.53
N GLU B 246 7.85 -32.10 -29.87
CA GLU B 246 8.67 -31.09 -29.22
C GLU B 246 8.50 -29.70 -29.81
N ASP B 247 7.68 -29.55 -30.84
CA ASP B 247 7.49 -28.25 -31.48
C ASP B 247 6.50 -27.36 -30.75
N LYS B 248 5.86 -27.85 -29.69
CA LYS B 248 4.92 -27.07 -28.90
C LYS B 248 5.28 -27.16 -27.43
N PRO B 249 5.01 -26.10 -26.66
CA PRO B 249 5.33 -26.11 -25.23
C PRO B 249 4.39 -26.99 -24.43
N ARG B 250 4.82 -27.34 -23.23
CA ARG B 250 4.05 -28.16 -22.31
C ARG B 250 3.68 -27.34 -21.08
N LEU B 251 2.43 -27.47 -20.65
CA LEU B 251 1.91 -26.72 -19.51
C LEU B 251 1.35 -27.68 -18.47
N ILE B 252 1.60 -27.37 -17.20
CA ILE B 252 1.08 -28.14 -16.08
C ILE B 252 0.49 -27.16 -15.08
N CYS B 253 -0.48 -27.64 -14.30
CA CYS B 253 -1.19 -26.83 -13.33
C CYS B 253 -1.11 -27.48 -11.95
N GLY B 254 -0.94 -26.64 -10.93
CA GLY B 254 -0.90 -27.10 -9.55
C GLY B 254 0.45 -27.54 -9.05
N VAL B 255 1.50 -27.44 -9.86
CA VAL B 255 2.85 -27.85 -9.48
C VAL B 255 3.69 -26.59 -9.37
N SER B 256 4.09 -26.25 -8.13
CA SER B 256 4.98 -25.12 -7.90
C SER B 256 6.07 -25.39 -6.88
N ARG B 257 5.99 -26.47 -6.11
CA ARG B 257 7.03 -26.77 -5.13
C ARG B 257 8.34 -27.08 -5.85
N PRO B 258 9.48 -26.70 -5.27
CA PRO B 258 10.77 -26.89 -5.99
C PRO B 258 11.04 -28.34 -6.36
N ASP B 259 10.73 -29.30 -5.49
CA ASP B 259 10.97 -30.71 -5.83
C ASP B 259 10.03 -31.16 -6.93
N GLU B 260 8.74 -30.82 -6.82
CA GLU B 260 7.79 -31.19 -7.86
C GLU B 260 8.14 -30.53 -9.18
N VAL B 261 8.54 -29.26 -9.15
CA VAL B 261 8.94 -28.56 -10.36
C VAL B 261 10.15 -29.23 -10.98
N LEU B 262 11.14 -29.59 -10.15
CA LEU B 262 12.35 -30.22 -10.67
C LEU B 262 12.04 -31.57 -11.32
N GLU B 263 11.21 -32.39 -10.67
CA GLU B 263 10.91 -33.69 -11.27
C GLU B 263 10.04 -33.56 -12.51
N CYS B 264 9.15 -32.56 -12.55
CA CYS B 264 8.36 -32.34 -13.76
C CYS B 264 9.23 -31.86 -14.91
N ILE B 265 10.22 -31.01 -14.63
CA ILE B 265 11.18 -30.63 -15.67
C ILE B 265 11.96 -31.84 -16.14
N GLU B 266 12.39 -32.69 -15.20
CA GLU B 266 13.06 -33.93 -15.58
C GLU B 266 12.17 -34.78 -16.49
N ARG B 267 10.86 -34.74 -16.27
CA ARG B 267 9.94 -35.47 -17.14
C ARG B 267 9.83 -34.80 -18.50
N GLY B 268 9.89 -33.47 -18.55
CA GLY B 268 9.83 -32.76 -19.83
C GLY B 268 8.80 -31.67 -19.90
N VAL B 269 8.33 -31.19 -18.75
CA VAL B 269 7.39 -30.07 -18.70
C VAL B 269 8.18 -28.77 -18.77
N ASP B 270 7.70 -27.85 -19.62
CA ASP B 270 8.42 -26.61 -19.91
C ASP B 270 7.95 -25.44 -19.06
N LEU B 271 6.66 -25.12 -19.11
CA LEU B 271 6.12 -23.93 -18.47
C LEU B 271 5.45 -24.31 -17.15
N PHE B 272 5.63 -23.44 -16.15
CA PHE B 272 5.16 -23.71 -14.80
C PHE B 272 4.47 -22.47 -14.21
N GLU B 273 3.74 -22.69 -13.13
CA GLU B 273 3.05 -21.64 -12.39
C GLU B 273 3.82 -21.32 -11.11
N SER B 274 3.41 -20.21 -10.48
CA SER B 274 4.18 -19.62 -9.38
C SER B 274 3.28 -19.24 -8.21
N PHE B 275 2.43 -20.17 -7.78
CA PHE B 275 1.55 -19.89 -6.64
C PHE B 275 2.19 -20.22 -5.29
N PHE B 276 3.38 -20.85 -5.29
CA PHE B 276 4.04 -21.15 -4.03
C PHE B 276 4.40 -19.91 -3.22
N PRO B 277 5.02 -18.87 -3.79
CA PRO B 277 5.31 -17.67 -2.99
C PRO B 277 4.08 -17.02 -2.39
N TYR B 278 2.95 -17.03 -3.10
CA TYR B 278 1.72 -16.46 -2.55
C TYR B 278 1.28 -17.23 -1.31
N GLN B 279 1.34 -18.56 -1.36
CA GLN B 279 0.98 -19.37 -0.20
C GLN B 279 1.94 -19.13 0.96
N VAL B 280 3.23 -19.02 0.65
CA VAL B 280 4.23 -18.81 1.70
C VAL B 280 4.02 -17.47 2.38
N THR B 281 3.76 -16.43 1.60
CA THR B 281 3.59 -15.09 2.17
C THR B 281 2.24 -14.92 2.87
N GLU B 282 1.21 -15.64 2.41
CA GLU B 282 -0.14 -15.44 2.95
C GLU B 282 -0.20 -15.79 4.43
N ARG B 283 0.43 -16.89 4.84
CA ARG B 283 0.40 -17.33 6.23
C ARG B 283 1.56 -16.77 7.04
N GLY B 284 2.12 -15.64 6.63
CA GLY B 284 3.20 -15.01 7.38
C GLY B 284 4.48 -15.82 7.47
N CYS B 285 4.92 -16.40 6.35
CA CYS B 285 6.13 -17.21 6.33
C CYS B 285 7.07 -16.69 5.26
N ALA B 286 8.36 -16.97 5.45
CA ALA B 286 9.40 -16.52 4.53
C ALA B 286 10.16 -17.73 3.99
N LEU B 287 10.43 -17.71 2.68
CA LEU B 287 11.13 -18.82 2.03
C LEU B 287 12.58 -18.90 2.51
N THR B 288 13.10 -20.12 2.57
CA THR B 288 14.47 -20.33 3.02
C THR B 288 15.29 -21.27 2.16
N PHE B 289 14.69 -22.05 1.25
CA PHE B 289 15.47 -22.99 0.47
C PHE B 289 16.41 -22.24 -0.49
N THR B 290 17.62 -22.76 -0.64
CA THR B 290 18.64 -22.14 -1.46
C THR B 290 18.83 -22.95 -2.74
N PHE B 291 18.79 -22.26 -3.88
CA PHE B 291 18.98 -22.88 -5.18
C PHE B 291 20.36 -22.63 -5.77
N ASP B 292 21.15 -21.73 -5.18
CA ASP B 292 22.47 -21.42 -5.69
C ASP B 292 23.42 -21.07 -4.54
N PHE B 332 12.39 -24.78 2.46
CA PHE B 332 11.04 -24.70 3.01
C PHE B 332 10.72 -23.26 3.40
N GLU B 333 9.93 -23.08 4.44
CA GLU B 333 9.54 -21.76 4.91
C GLU B 333 9.70 -21.69 6.42
N ILE B 334 9.94 -20.49 6.93
CA ILE B 334 10.05 -20.23 8.36
C ILE B 334 8.98 -19.23 8.74
N ASN B 335 8.33 -19.47 9.88
CA ASN B 335 7.33 -18.56 10.42
C ASN B 335 8.05 -17.55 11.31
N LEU B 336 7.85 -16.26 11.01
CA LEU B 336 8.54 -15.20 11.74
C LEU B 336 7.79 -14.78 12.99
N LYS B 337 6.65 -15.40 13.30
CA LYS B 337 5.89 -15.03 14.48
C LYS B 337 6.46 -15.71 15.73
N GLU B 338 7.77 -15.55 15.96
CA GLU B 338 8.43 -16.06 17.15
C GLU B 338 9.35 -14.98 17.69
N LYS B 339 9.60 -15.04 19.01
CA LYS B 339 10.40 -14.02 19.67
C LYS B 339 11.89 -14.15 19.40
N LYS B 340 12.34 -15.22 18.73
CA LYS B 340 13.76 -15.43 18.53
C LYS B 340 14.35 -14.50 17.48
N TYR B 341 13.53 -13.86 16.66
CA TYR B 341 14.02 -13.00 15.58
C TYR B 341 14.09 -11.53 15.96
N GLN B 342 13.77 -11.17 17.21
CA GLN B 342 13.78 -9.76 17.61
C GLN B 342 15.16 -9.25 17.96
N GLU B 343 16.17 -10.12 18.05
CA GLU B 343 17.53 -9.70 18.37
C GLU B 343 18.45 -9.63 17.16
N ASP B 344 18.19 -10.42 16.13
CA ASP B 344 19.07 -10.46 14.96
C ASP B 344 18.86 -9.20 14.11
N PHE B 345 19.97 -8.54 13.78
CA PHE B 345 19.94 -7.35 12.93
C PHE B 345 20.17 -7.67 11.46
N ASP B 346 20.46 -8.92 11.13
CA ASP B 346 20.66 -9.31 9.74
C ASP B 346 19.31 -9.46 9.04
N PRO B 347 19.28 -9.28 7.70
CA PRO B 347 18.03 -9.50 6.97
C PRO B 347 17.66 -10.97 6.89
N LEU B 348 16.55 -11.28 6.20
CA LEU B 348 16.10 -12.67 6.11
C LEU B 348 17.12 -13.55 5.39
N VAL B 349 17.94 -12.97 4.52
CA VAL B 349 18.99 -13.68 3.82
C VAL B 349 20.34 -13.11 4.24
N ARG B 350 21.27 -13.98 4.60
CA ARG B 350 22.54 -13.57 5.20
C ARG B 350 23.55 -13.26 4.11
N GLY B 351 23.73 -11.97 3.82
CA GLY B 351 24.83 -11.52 2.99
C GLY B 351 24.74 -11.85 1.53
N CYS B 352 23.54 -12.06 0.99
CA CYS B 352 23.39 -12.34 -0.43
C CYS B 352 23.14 -11.02 -1.18
N SER B 353 22.77 -11.13 -2.46
CA SER B 353 22.50 -9.97 -3.31
C SER B 353 21.02 -9.84 -3.64
N CYS B 354 20.14 -10.46 -2.85
CA CYS B 354 18.72 -10.42 -3.11
C CYS B 354 18.14 -9.07 -2.68
N TYR B 355 16.84 -8.89 -2.92
CA TYR B 355 16.18 -7.64 -2.56
C TYR B 355 16.07 -7.48 -1.05
N CYS B 356 15.89 -8.59 -0.33
CA CYS B 356 15.76 -8.52 1.12
C CYS B 356 17.07 -8.14 1.79
N CYS B 357 18.21 -8.46 1.17
CA CYS B 357 19.50 -8.07 1.74
C CYS B 357 19.74 -6.57 1.66
N LYS B 358 18.92 -5.84 0.90
CA LYS B 358 19.10 -4.41 0.72
C LYS B 358 17.93 -3.58 1.23
N ASN B 359 16.71 -4.13 1.28
CA ASN B 359 15.55 -3.33 1.62
C ASN B 359 15.55 -2.96 3.12
N HIS B 360 15.53 -3.97 3.99
CA HIS B 360 15.43 -3.75 5.42
C HIS B 360 16.16 -4.88 6.15
N THR B 361 15.91 -5.00 7.44
CA THR B 361 16.45 -6.07 8.27
C THR B 361 15.30 -6.91 8.82
N ARG B 362 15.58 -8.19 9.06
CA ARG B 362 14.53 -9.12 9.47
C ARG B 362 13.85 -8.72 10.77
N ALA B 363 14.53 -7.94 11.61
CA ALA B 363 13.89 -7.42 12.83
C ALA B 363 12.73 -6.49 12.47
N TYR B 364 12.88 -5.70 11.41
CA TYR B 364 11.81 -4.82 10.97
C TYR B 364 10.58 -5.61 10.56
N ILE B 365 10.78 -6.68 9.78
CA ILE B 365 9.66 -7.52 9.35
C ILE B 365 9.05 -8.23 10.55
N HIS B 366 9.88 -8.65 11.50
CA HIS B 366 9.38 -9.29 12.72
C HIS B 366 8.47 -8.34 13.49
N HIS B 367 8.92 -7.10 13.68
CA HIS B 367 8.10 -6.10 14.37
C HIS B 367 6.81 -5.83 13.61
N LEU B 368 6.89 -5.70 12.29
CA LEU B 368 5.70 -5.40 11.51
C LEU B 368 4.72 -6.57 11.49
N LEU B 369 5.22 -7.79 11.64
CA LEU B 369 4.33 -8.94 11.73
C LEU B 369 3.66 -9.00 13.10
N MET B 370 4.40 -8.66 14.16
CA MET B 370 3.77 -8.56 15.47
C MET B 370 2.71 -7.46 15.52
N THR B 371 2.96 -6.33 14.86
CA THR B 371 1.96 -5.27 14.83
C THR B 371 0.95 -5.44 13.70
N ASN B 372 1.09 -6.49 12.89
CA ASN B 372 0.17 -6.79 11.78
C ASN B 372 0.10 -5.62 10.79
N GLU B 373 1.25 -5.29 10.22
CA GLU B 373 1.35 -4.18 9.28
C GLU B 373 1.42 -4.69 7.86
N LEU B 374 0.73 -4.00 6.95
CA LEU B 374 0.67 -4.44 5.56
C LEU B 374 2.02 -4.31 4.86
N LEU B 375 2.86 -3.37 5.31
CA LEU B 375 4.16 -3.21 4.69
C LEU B 375 5.02 -4.45 4.85
N ALA B 376 4.86 -5.18 5.96
CA ALA B 376 5.52 -6.47 6.09
C ALA B 376 5.07 -7.43 5.01
N GLY B 377 3.76 -7.47 4.74
CA GLY B 377 3.25 -8.30 3.66
C GLY B 377 3.81 -7.90 2.31
N VAL B 378 3.90 -6.60 2.05
CA VAL B 378 4.44 -6.13 0.77
C VAL B 378 5.89 -6.56 0.63
N LEU B 379 6.70 -6.35 1.67
CA LEU B 379 8.11 -6.71 1.61
C LEU B 379 8.30 -8.21 1.46
N LEU B 380 7.52 -9.00 2.20
CA LEU B 380 7.60 -10.46 2.08
C LEU B 380 7.20 -10.91 0.69
N MET B 381 6.14 -10.31 0.12
CA MET B 381 5.71 -10.67 -1.23
C MET B 381 6.79 -10.35 -2.25
N MET B 382 7.39 -9.16 -2.15
CA MET B 382 8.44 -8.79 -3.09
C MET B 382 9.64 -9.72 -2.97
N HIS B 383 10.07 -10.02 -1.74
CA HIS B 383 11.22 -10.89 -1.56
C HIS B 383 10.93 -12.30 -2.07
N ASN B 384 9.74 -12.83 -1.77
CA ASN B 384 9.39 -14.17 -2.23
C ASN B 384 9.33 -14.24 -3.74
N PHE B 385 8.70 -13.24 -4.38
CA PHE B 385 8.62 -13.24 -5.83
C PHE B 385 9.99 -13.11 -6.47
N GLU B 386 10.86 -12.26 -5.90
CA GLU B 386 12.20 -12.10 -6.44
C GLU B 386 12.98 -13.41 -6.32
N HIS B 387 12.90 -14.06 -5.16
CA HIS B 387 13.62 -15.32 -4.98
C HIS B 387 13.10 -16.40 -5.91
N TYR B 388 11.78 -16.48 -6.07
CA TYR B 388 11.20 -17.51 -6.92
C TYR B 388 11.55 -17.29 -8.39
N PHE B 389 11.50 -16.03 -8.84
CA PHE B 389 11.89 -15.74 -10.21
C PHE B 389 13.38 -15.97 -10.44
N GLY B 390 14.22 -15.66 -9.45
CA GLY B 390 15.63 -15.98 -9.57
C GLY B 390 15.89 -17.47 -9.63
N PHE B 391 15.12 -18.25 -8.86
CA PHE B 391 15.24 -19.71 -8.91
C PHE B 391 14.87 -20.23 -10.30
N PHE B 392 13.77 -19.72 -10.87
CA PHE B 392 13.38 -20.13 -12.21
C PHE B 392 14.43 -19.72 -13.24
N CYS B 393 14.96 -18.50 -13.12
CA CYS B 393 15.99 -18.06 -14.05
C CYS B 393 17.23 -18.93 -13.97
N SER B 394 17.64 -19.28 -12.74
CA SER B 394 18.83 -20.12 -12.57
C SER B 394 18.62 -21.51 -13.15
N ILE B 395 17.45 -22.12 -12.90
CA ILE B 395 17.23 -23.46 -13.43
C ILE B 395 17.11 -23.43 -14.94
N ARG B 396 16.49 -22.39 -15.50
CA ARG B 396 16.39 -22.27 -16.95
C ARG B 396 17.77 -22.09 -17.58
N GLU B 397 18.62 -21.27 -16.96
CA GLU B 397 19.98 -21.10 -17.47
C GLU B 397 20.78 -22.39 -17.39
N ALA B 398 20.63 -23.13 -16.29
CA ALA B 398 21.33 -24.40 -16.16
C ALA B 398 20.86 -25.41 -17.21
N LEU B 399 19.55 -25.46 -17.45
CA LEU B 399 19.02 -26.41 -18.43
C LEU B 399 19.44 -26.04 -19.86
N LYS B 400 19.36 -24.74 -20.20
CA LYS B 400 19.72 -24.32 -21.55
C LYS B 400 21.21 -24.54 -21.81
N ASN B 401 22.06 -24.24 -20.84
CA ASN B 401 23.50 -24.40 -21.01
C ASN B 401 23.95 -25.81 -20.63
#